data_9M35
#
_entry.id   9M35
#
_cell.length_a   1.00
_cell.length_b   1.00
_cell.length_c   1.00
_cell.angle_alpha   90.00
_cell.angle_beta   90.00
_cell.angle_gamma   90.00
#
_symmetry.space_group_name_H-M   'P 1'
#
loop_
_entity.id
_entity.type
_entity.pdbx_description
1 polymer 'NADP-dependent malic enzyme'
2 non-polymer 'NADP NICOTINAMIDE-ADENINE-DINUCLEOTIDE PHOSPHATE'
3 non-polymer 'MAGNESIUM ION'
#
_entity_poly.entity_id   1
_entity_poly.type   'polypeptide(L)'
_entity_poly.pdbx_seq_one_letter_code
;DDQLKQSALDFHEFPVPGKIQVSPTKPLATQRDLALAYSPGVAAPCLEIEKDPLKAYKYTARGNLVAVISNGTAVLGLGN
IGALAGKPVMEGKGVLFKKFAGIDVFDIEVDELDPDKFIEVVAALEPTFGGINLEDIKAPECFYIEQKLRERMNIPVFHD
DQHGTAIISTAAILNGLRVVEKNISDVRMVVSGAGAAAIACMNLLVALGLQKHNIVVCDSKGVIYQGREPNMAETKAAYA
VVDDGKRTLDDVIEGADIFLGCSGPKVLTQEMVKKMARAPMILALANPEPEILPPLAKEVRPDAIICTGRSDYPNQVNNV
LCFPFIFRGALDVGATAINEEMKLAAVRAIAELAHAEQSEVVASAYGDQDLSFGPEYIIPKPFDPRLIVKIAPAVAKAAM
ESGVATRPIADFDVYIDKLTEFVYKTNLFMKPIFSQARK
;
_entity_poly.pdbx_strand_id   A,B
#
# COMPACT_ATOMS: atom_id res chain seq x y z
N ASP A 1 -16.71 -23.11 -18.97
CA ASP A 1 -16.51 -22.62 -17.61
C ASP A 1 -15.25 -23.21 -16.98
N ASP A 2 -15.12 -24.53 -17.07
CA ASP A 2 -13.97 -25.20 -16.48
C ASP A 2 -12.67 -24.76 -17.14
N GLN A 3 -12.67 -24.64 -18.47
CA GLN A 3 -11.47 -24.19 -19.16
C GLN A 3 -11.11 -22.76 -18.76
N LEU A 4 -12.09 -21.86 -18.72
CA LEU A 4 -11.84 -20.49 -18.32
C LEU A 4 -11.33 -20.43 -16.89
N LYS A 5 -11.95 -21.21 -16.01
CA LYS A 5 -11.51 -21.25 -14.61
C LYS A 5 -10.07 -21.71 -14.49
N GLN A 6 -9.73 -22.81 -15.18
CA GLN A 6 -8.37 -23.33 -15.08
C GLN A 6 -7.36 -22.36 -15.65
N SER A 7 -7.69 -21.71 -16.77
CA SER A 7 -6.76 -20.75 -17.36
C SER A 7 -6.59 -19.52 -16.47
N ALA A 8 -7.64 -19.12 -15.76
CA ALA A 8 -7.54 -17.98 -14.85
C ALA A 8 -6.72 -18.34 -13.61
N LEU A 9 -6.94 -19.53 -13.06
CA LEU A 9 -6.19 -19.93 -11.86
C LEU A 9 -4.69 -20.00 -12.16
N ASP A 10 -4.32 -20.58 -13.30
CA ASP A 10 -2.92 -20.61 -13.68
C ASP A 10 -2.44 -19.27 -14.24
N PHE A 11 -3.37 -18.37 -14.61
CA PHE A 11 -2.97 -17.13 -15.27
C PHE A 11 -1.89 -16.41 -14.50
N HIS A 12 -2.04 -16.30 -13.18
CA HIS A 12 -0.86 -15.97 -12.43
C HIS A 12 -0.95 -16.56 -11.02
N GLU A 13 -0.44 -17.78 -10.90
CA GLU A 13 -0.06 -18.36 -9.62
C GLU A 13 1.33 -18.98 -9.77
N PHE A 14 1.64 -19.42 -10.98
CA PHE A 14 2.80 -20.26 -11.26
C PHE A 14 4.12 -19.52 -11.48
N PRO A 15 4.18 -18.47 -12.31
CA PRO A 15 5.46 -17.76 -12.46
C PRO A 15 5.96 -17.23 -11.12
N VAL A 16 5.16 -16.35 -10.53
CA VAL A 16 5.24 -15.96 -9.13
C VAL A 16 3.80 -15.86 -8.67
N PRO A 17 3.49 -15.87 -7.37
CA PRO A 17 2.09 -15.72 -6.95
C PRO A 17 1.59 -14.30 -7.18
N GLY A 18 0.44 -14.18 -7.84
CA GLY A 18 -0.25 -12.92 -7.95
C GLY A 18 0.41 -11.88 -8.84
N LYS A 19 -0.40 -10.93 -9.30
CA LYS A 19 0.09 -9.77 -10.02
C LYS A 19 0.73 -8.78 -9.04
N ILE A 20 1.23 -7.66 -9.56
CA ILE A 20 1.71 -6.53 -8.77
C ILE A 20 3.03 -6.82 -8.05
N GLN A 21 3.96 -5.88 -8.15
CA GLN A 21 5.19 -5.87 -7.37
C GLN A 21 5.60 -4.42 -7.14
N VAL A 22 6.42 -4.20 -6.12
CA VAL A 22 6.89 -2.86 -5.79
C VAL A 22 8.36 -2.77 -6.20
N SER A 23 8.69 -1.79 -7.05
CA SER A 23 10.03 -1.65 -7.58
C SER A 23 10.60 -0.29 -7.23
N PRO A 24 11.85 -0.23 -6.79
CA PRO A 24 12.52 1.08 -6.63
C PRO A 24 12.69 1.77 -7.97
N THR A 25 12.57 3.09 -7.95
CA THR A 25 12.70 3.89 -9.15
C THR A 25 14.11 4.40 -9.34
N LYS A 26 15.08 3.86 -8.60
CA LYS A 26 16.46 4.25 -8.80
C LYS A 26 17.36 3.02 -8.85
N PRO A 27 18.43 3.09 -9.63
CA PRO A 27 19.54 2.16 -9.44
C PRO A 27 20.19 2.41 -8.09
N LEU A 28 20.59 1.33 -7.44
CA LEU A 28 21.26 1.40 -6.14
C LEU A 28 22.31 0.29 -6.11
N ALA A 29 23.57 0.68 -6.28
CA ALA A 29 24.67 -0.17 -5.83
C ALA A 29 25.84 0.75 -5.49
N THR A 30 25.86 1.23 -4.24
CA THR A 30 27.03 1.80 -3.58
C THR A 30 26.56 2.32 -2.22
N GLN A 31 27.53 2.65 -1.38
CA GLN A 31 27.27 3.58 -0.29
C GLN A 31 27.11 4.98 -0.86
N ARG A 32 26.69 5.91 -0.01
CA ARG A 32 26.47 7.30 -0.42
C ARG A 32 25.27 7.39 -1.36
N ASP A 33 24.78 6.25 -1.83
CA ASP A 33 23.48 6.13 -2.48
C ASP A 33 22.43 5.63 -1.50
N LEU A 34 22.81 4.72 -0.63
CA LEU A 34 22.01 4.35 0.52
C LEU A 34 22.11 5.36 1.66
N ALA A 35 23.12 6.23 1.63
CA ALA A 35 23.29 7.26 2.64
C ALA A 35 22.41 8.47 2.41
N LEU A 36 21.75 8.56 1.27
CA LEU A 36 20.78 9.60 1.02
C LEU A 36 19.45 9.10 0.46
N ALA A 37 19.31 7.81 0.18
CA ALA A 37 18.00 7.18 0.11
C ALA A 37 17.50 6.77 1.49
N TYR A 38 18.36 6.86 2.49
CA TYR A 38 18.10 6.55 3.89
C TYR A 38 19.13 7.35 4.68
N SER A 39 19.37 6.97 5.93
CA SER A 39 20.57 7.46 6.62
C SER A 39 20.42 8.97 6.81
N PRO A 40 21.48 9.76 7.10
CA PRO A 40 21.25 11.20 7.28
C PRO A 40 20.72 11.91 6.03
N GLY A 41 20.87 11.32 4.84
CA GLY A 41 20.40 11.99 3.64
C GLY A 41 18.89 12.12 3.58
N VAL A 42 18.16 11.07 3.96
CA VAL A 42 16.70 11.08 3.90
C VAL A 42 16.07 12.05 4.89
N ALA A 43 16.84 12.63 5.80
CA ALA A 43 16.33 13.64 6.71
C ALA A 43 16.17 15.01 6.06
N ALA A 44 16.77 15.24 4.89
CA ALA A 44 16.59 16.51 4.19
C ALA A 44 15.19 16.64 3.61
N PRO A 45 14.66 15.64 2.88
CA PRO A 45 13.26 15.76 2.44
C PRO A 45 12.28 15.90 3.58
N CYS A 46 12.51 15.20 4.69
CA CYS A 46 11.56 15.21 5.79
C CYS A 46 11.43 16.60 6.42
N LEU A 47 12.54 17.30 6.58
CA LEU A 47 12.51 18.61 7.21
C LEU A 47 11.89 19.67 6.31
N GLU A 48 11.81 19.41 5.00
CA GLU A 48 11.15 20.31 4.07
C GLU A 48 9.63 20.12 4.06
N ILE A 49 9.17 18.88 4.13
CA ILE A 49 7.75 18.61 4.19
C ILE A 49 7.16 19.10 5.51
N GLU A 50 7.94 19.06 6.58
CA GLU A 50 7.46 19.57 7.85
C GLU A 50 7.23 21.08 7.81
N LYS A 51 8.14 21.82 7.20
CA LYS A 51 7.96 23.26 7.05
C LYS A 51 6.85 23.58 6.05
N ASP A 52 6.75 22.81 4.97
CA ASP A 52 5.75 23.04 3.93
C ASP A 52 5.09 21.73 3.55
N PRO A 53 3.84 21.49 3.99
CA PRO A 53 3.16 20.24 3.64
C PRO A 53 2.93 20.05 2.15
N LEU A 54 2.95 21.13 1.37
CA LEU A 54 2.74 21.04 -0.07
C LEU A 54 3.95 20.48 -0.81
N LYS A 55 5.10 20.37 -0.15
CA LYS A 55 6.30 19.85 -0.80
C LYS A 55 6.35 18.33 -0.83
N ALA A 56 5.34 17.65 -0.30
CA ALA A 56 5.31 16.20 -0.34
C ALA A 56 5.16 15.66 -1.76
N TYR A 57 4.65 16.48 -2.68
CA TYR A 57 4.48 16.03 -4.06
C TYR A 57 5.78 16.07 -4.84
N LYS A 58 6.78 16.80 -4.36
CA LYS A 58 8.08 16.85 -5.03
C LYS A 58 8.97 15.68 -4.63
N TYR A 59 8.97 15.30 -3.36
CA TYR A 59 9.95 14.40 -2.81
C TYR A 59 9.44 12.98 -2.57
N THR A 60 8.14 12.76 -2.66
CA THR A 60 7.58 11.42 -2.47
C THR A 60 6.73 11.07 -3.68
N ALA A 61 6.12 9.89 -3.62
CA ALA A 61 5.27 9.40 -4.69
C ALA A 61 3.80 9.72 -4.47
N ARG A 62 3.49 10.65 -3.55
CA ARG A 62 2.10 10.91 -3.20
C ARG A 62 1.31 11.49 -4.38
N GLY A 63 1.93 12.36 -5.17
CA GLY A 63 1.26 12.98 -6.29
C GLY A 63 0.85 12.01 -7.38
N ASN A 64 1.18 10.73 -7.21
CA ASN A 64 0.85 9.71 -8.19
C ASN A 64 0.31 8.43 -7.57
N LEU A 65 -0.08 8.45 -6.30
CA LEU A 65 -0.45 7.25 -5.56
C LEU A 65 -1.93 7.28 -5.26
N VAL A 66 -2.64 6.21 -5.63
CA VAL A 66 -4.06 6.09 -5.36
C VAL A 66 -4.32 4.79 -4.61
N ALA A 67 -5.20 4.85 -3.62
CA ALA A 67 -5.62 3.67 -2.87
C ALA A 67 -6.91 3.12 -3.44
N VAL A 68 -6.93 1.82 -3.70
CA VAL A 68 -8.13 1.09 -4.05
C VAL A 68 -8.54 0.30 -2.80
N ILE A 69 -9.57 0.77 -2.11
CA ILE A 69 -9.93 0.28 -0.79
C ILE A 69 -11.27 -0.44 -0.87
N SER A 70 -11.36 -1.61 -0.25
CA SER A 70 -12.59 -2.38 -0.25
C SER A 70 -12.77 -3.08 1.08
N ASN A 71 -14.00 -3.53 1.34
CA ASN A 71 -14.27 -4.44 2.45
C ASN A 71 -14.91 -5.74 1.98
N GLY A 72 -14.97 -5.97 0.68
CA GLY A 72 -15.43 -7.24 0.14
C GLY A 72 -16.88 -7.58 0.38
N THR A 73 -17.77 -6.59 0.34
CA THR A 73 -19.19 -6.85 0.55
C THR A 73 -20.00 -6.89 -0.72
N ALA A 74 -19.52 -6.30 -1.82
CA ALA A 74 -20.14 -6.50 -3.13
C ALA A 74 -19.03 -6.62 -4.17
N VAL A 75 -18.49 -7.82 -4.33
CA VAL A 75 -17.33 -8.05 -5.18
C VAL A 75 -17.79 -8.62 -6.51
N LEU A 76 -17.60 -7.84 -7.58
CA LEU A 76 -18.13 -8.14 -8.90
C LEU A 76 -19.59 -8.54 -8.81
N GLY A 77 -19.90 -9.76 -9.20
CA GLY A 77 -21.24 -10.28 -9.04
C GLY A 77 -21.29 -11.42 -8.05
N LEU A 78 -20.16 -11.68 -7.39
CA LEU A 78 -20.10 -12.77 -6.42
C LEU A 78 -20.85 -12.43 -5.13
N GLY A 79 -20.95 -11.15 -4.80
CA GLY A 79 -21.64 -10.74 -3.60
C GLY A 79 -20.73 -10.53 -2.41
N ASN A 80 -21.22 -10.88 -1.22
CA ASN A 80 -20.47 -10.71 0.03
C ASN A 80 -19.56 -11.92 0.21
N ILE A 81 -18.27 -11.74 -0.06
CA ILE A 81 -17.31 -12.82 0.03
C ILE A 81 -16.19 -12.56 1.02
N GLY A 82 -16.08 -11.35 1.57
CA GLY A 82 -15.04 -11.03 2.51
C GLY A 82 -13.91 -10.24 1.87
N ALA A 83 -13.19 -9.50 2.71
CA ALA A 83 -12.12 -8.65 2.22
C ALA A 83 -10.96 -9.46 1.65
N LEU A 84 -10.64 -10.60 2.27
CA LEU A 84 -9.51 -11.40 1.82
C LEU A 84 -9.76 -12.00 0.44
N ALA A 85 -10.97 -12.49 0.19
CA ALA A 85 -11.27 -13.13 -1.08
C ALA A 85 -11.35 -12.16 -2.24
N GLY A 86 -11.50 -10.87 -1.97
CA GLY A 86 -11.53 -9.84 -2.99
C GLY A 86 -10.20 -9.19 -3.30
N LYS A 87 -9.10 -9.70 -2.75
CA LYS A 87 -7.78 -9.17 -3.06
C LYS A 87 -7.41 -9.26 -4.55
N PRO A 88 -7.68 -10.36 -5.27
CA PRO A 88 -7.36 -10.38 -6.70
C PRO A 88 -8.07 -9.30 -7.51
N VAL A 89 -9.32 -8.97 -7.16
CA VAL A 89 -10.05 -7.94 -7.90
C VAL A 89 -9.40 -6.58 -7.73
N MET A 90 -9.01 -6.24 -6.50
CA MET A 90 -8.35 -4.95 -6.26
C MET A 90 -6.97 -4.90 -6.90
N GLU A 91 -6.23 -6.02 -6.89
CA GLU A 91 -4.96 -6.05 -7.61
C GLU A 91 -5.17 -5.84 -9.11
N GLY A 92 -6.21 -6.45 -9.68
CA GLY A 92 -6.50 -6.25 -11.09
C GLY A 92 -6.89 -4.83 -11.41
N LYS A 93 -7.68 -4.20 -10.55
CA LYS A 93 -8.03 -2.80 -10.77
C LYS A 93 -6.81 -1.90 -10.72
N GLY A 94 -5.88 -2.17 -9.78
CA GLY A 94 -4.63 -1.42 -9.76
C GLY A 94 -3.81 -1.62 -11.03
N VAL A 95 -3.82 -2.84 -11.56
CA VAL A 95 -3.16 -3.11 -12.83
C VAL A 95 -3.76 -2.25 -13.95
N LEU A 96 -5.09 -2.17 -14.00
CA LEU A 96 -5.74 -1.33 -15.00
C LEU A 96 -5.38 0.14 -14.80
N PHE A 97 -5.30 0.59 -13.55
CA PHE A 97 -4.90 1.97 -13.27
C PHE A 97 -3.51 2.26 -13.82
N LYS A 98 -2.58 1.31 -13.67
CA LYS A 98 -1.22 1.54 -14.15
C LYS A 98 -1.11 1.44 -15.66
N LYS A 99 -1.81 0.49 -16.28
CA LYS A 99 -1.63 0.23 -17.70
C LYS A 99 -2.10 1.40 -18.57
N PHE A 100 -3.20 2.04 -18.19
CA PHE A 100 -3.82 3.05 -19.06
C PHE A 100 -3.64 4.48 -18.59
N ALA A 101 -3.13 4.71 -17.39
CA ALA A 101 -2.89 6.08 -16.95
C ALA A 101 -1.55 6.28 -16.28
N GLY A 102 -0.78 5.24 -16.02
CA GLY A 102 0.49 5.38 -15.31
C GLY A 102 0.36 5.81 -13.86
N ILE A 103 -0.62 5.26 -13.15
CA ILE A 103 -0.89 5.63 -11.76
C ILE A 103 -0.52 4.45 -10.87
N ASP A 104 0.30 4.72 -9.86
CA ASP A 104 0.59 3.71 -8.85
C ASP A 104 -0.60 3.51 -7.92
N VAL A 105 -0.87 2.26 -7.56
CA VAL A 105 -2.03 1.92 -6.75
C VAL A 105 -1.59 1.02 -5.60
N PHE A 106 -2.05 1.34 -4.39
CA PHE A 106 -2.03 0.40 -3.28
C PHE A 106 -3.44 -0.15 -3.09
N ASP A 107 -3.58 -1.47 -3.13
CA ASP A 107 -4.88 -2.11 -2.92
C ASP A 107 -4.98 -2.53 -1.46
N ILE A 108 -6.01 -2.04 -0.77
CA ILE A 108 -6.19 -2.24 0.66
C ILE A 108 -7.54 -2.91 0.90
N GLU A 109 -7.51 -4.00 1.67
CA GLU A 109 -8.70 -4.77 2.00
C GLU A 109 -8.94 -4.63 3.50
N VAL A 110 -10.00 -3.95 3.86
CA VAL A 110 -10.34 -3.66 5.25
C VAL A 110 -11.37 -4.67 5.74
N ASP A 111 -11.18 -5.16 6.95
CA ASP A 111 -12.05 -6.18 7.50
C ASP A 111 -13.29 -5.63 8.21
N GLU A 112 -13.43 -4.30 8.31
CA GLU A 112 -14.56 -3.72 9.02
C GLU A 112 -15.85 -3.89 8.23
N LEU A 113 -16.88 -4.43 8.88
CA LEU A 113 -18.21 -4.52 8.30
C LEU A 113 -19.15 -3.41 8.78
N ASP A 114 -18.78 -2.70 9.83
CA ASP A 114 -19.54 -1.57 10.38
C ASP A 114 -19.19 -0.31 9.61
N PRO A 115 -20.18 0.50 9.21
CA PRO A 115 -19.85 1.69 8.38
C PRO A 115 -19.01 2.74 9.09
N ASP A 116 -19.37 3.12 10.31
CA ASP A 116 -18.63 4.18 11.00
C ASP A 116 -17.20 3.73 11.33
N LYS A 117 -17.03 2.46 11.69
CA LYS A 117 -15.69 1.93 11.90
C LYS A 117 -14.87 1.96 10.62
N PHE A 118 -15.48 1.60 9.50
CA PHE A 118 -14.80 1.69 8.20
C PHE A 118 -14.38 3.12 7.89
N ILE A 119 -15.27 4.08 8.18
CA ILE A 119 -14.94 5.48 7.94
C ILE A 119 -13.76 5.91 8.80
N GLU A 120 -13.76 5.52 10.07
CA GLU A 120 -12.65 5.86 10.95
C GLU A 120 -11.34 5.26 10.44
N VAL A 121 -11.40 4.03 9.94
CA VAL A 121 -10.19 3.38 9.42
C VAL A 121 -9.66 4.14 8.21
N VAL A 122 -10.54 4.43 7.25
CA VAL A 122 -10.07 5.02 5.99
C VAL A 122 -9.62 6.47 6.19
N ALA A 123 -10.32 7.24 7.01
CA ALA A 123 -9.97 8.64 7.18
C ALA A 123 -8.59 8.82 7.79
N ALA A 124 -8.06 7.83 8.49
CA ALA A 124 -6.75 7.93 9.11
C ALA A 124 -5.59 7.73 8.13
N LEU A 125 -5.85 7.22 6.94
CA LEU A 125 -4.80 6.92 5.98
C LEU A 125 -4.45 8.06 5.04
N GLU A 126 -5.06 9.23 5.23
CA GLU A 126 -4.92 10.32 4.26
C GLU A 126 -3.48 10.73 3.93
N PRO A 127 -2.54 10.82 4.88
CA PRO A 127 -1.18 11.24 4.50
C PRO A 127 -0.49 10.31 3.51
N THR A 128 -0.92 9.05 3.40
CA THR A 128 -0.28 8.13 2.47
C THR A 128 -0.58 8.49 1.02
N PHE A 129 -1.82 8.84 0.71
CA PHE A 129 -2.32 8.80 -0.66
C PHE A 129 -2.62 10.18 -1.21
N GLY A 130 -2.66 10.26 -2.54
CA GLY A 130 -3.10 11.45 -3.23
C GLY A 130 -4.56 11.39 -3.63
N GLY A 131 -5.15 10.21 -3.58
CA GLY A 131 -6.57 10.04 -3.88
C GLY A 131 -7.02 8.67 -3.44
N ILE A 132 -8.33 8.53 -3.29
CA ILE A 132 -8.96 7.30 -2.80
C ILE A 132 -10.01 6.86 -3.79
N ASN A 133 -9.98 5.58 -4.16
CA ASN A 133 -10.99 4.96 -5.00
C ASN A 133 -11.70 3.88 -4.19
N LEU A 134 -12.91 4.15 -3.73
CA LEU A 134 -13.71 3.14 -3.05
C LEU A 134 -14.27 2.15 -4.06
N GLU A 135 -14.18 0.87 -3.72
CA GLU A 135 -14.57 -0.17 -4.66
C GLU A 135 -15.28 -1.31 -3.93
N ASP A 136 -16.36 -1.78 -4.52
CA ASP A 136 -17.02 -3.04 -4.16
C ASP A 136 -17.50 -3.04 -2.69
N ILE A 137 -18.33 -2.05 -2.39
CA ILE A 137 -18.97 -1.90 -1.08
C ILE A 137 -20.47 -1.91 -1.31
N LYS A 138 -21.17 -2.81 -0.62
CA LYS A 138 -22.59 -3.02 -0.86
C LYS A 138 -23.41 -1.80 -0.45
N ALA A 139 -24.53 -1.61 -1.13
CA ALA A 139 -25.56 -0.62 -0.88
C ALA A 139 -26.50 -1.12 0.23
N PRO A 140 -27.07 -0.21 1.03
CA PRO A 140 -26.98 1.26 0.96
C PRO A 140 -25.84 1.88 1.77
N GLU A 141 -24.94 1.09 2.35
CA GLU A 141 -23.83 1.65 3.13
C GLU A 141 -22.87 2.45 2.28
N CYS A 142 -22.79 2.16 0.98
CA CYS A 142 -21.82 2.86 0.13
C CYS A 142 -22.11 4.36 0.07
N PHE A 143 -23.39 4.74 -0.02
CA PHE A 143 -23.73 6.16 -0.08
C PHE A 143 -23.30 6.88 1.17
N TYR A 144 -23.64 6.33 2.34
CA TYR A 144 -23.29 6.93 3.61
C TYR A 144 -21.79 7.01 3.79
N ILE A 145 -21.07 5.93 3.47
CA ILE A 145 -19.62 5.89 3.65
C ILE A 145 -18.96 6.94 2.77
N GLU A 146 -19.34 6.98 1.50
CA GLU A 146 -18.70 7.92 0.58
C GLU A 146 -19.01 9.36 0.95
N GLN A 147 -20.25 9.65 1.36
CA GLN A 147 -20.60 11.01 1.74
C GLN A 147 -19.79 11.46 2.96
N LYS A 148 -19.71 10.60 3.98
CA LYS A 148 -18.94 10.94 5.17
C LYS A 148 -17.46 11.14 4.86
N LEU A 149 -16.87 10.23 4.08
CA LEU A 149 -15.46 10.36 3.76
C LEU A 149 -15.18 11.58 2.89
N ARG A 150 -16.08 11.91 1.98
CA ARG A 150 -15.87 13.10 1.16
C ARG A 150 -15.94 14.37 1.99
N GLU A 151 -16.84 14.43 2.97
CA GLU A 151 -16.86 15.63 3.79
C GLU A 151 -15.79 15.62 4.88
N ARG A 152 -15.14 14.48 5.10
CA ARG A 152 -14.12 14.38 6.13
C ARG A 152 -12.68 14.55 5.62
N MET A 153 -12.41 14.23 4.35
CA MET A 153 -11.05 14.18 3.85
C MET A 153 -10.78 15.32 2.87
N ASN A 154 -9.50 15.69 2.76
CA ASN A 154 -9.06 16.75 1.87
C ASN A 154 -8.33 16.22 0.64
N ILE A 155 -8.54 14.96 0.29
CA ILE A 155 -8.14 14.41 -1.00
C ILE A 155 -9.38 13.83 -1.66
N PRO A 156 -9.39 13.71 -2.98
CA PRO A 156 -10.57 13.17 -3.67
C PRO A 156 -10.94 11.78 -3.18
N VAL A 157 -12.25 11.57 -3.00
CA VAL A 157 -12.81 10.27 -2.64
C VAL A 157 -13.85 9.94 -3.70
N PHE A 158 -13.60 8.90 -4.48
CA PHE A 158 -14.40 8.58 -5.66
C PHE A 158 -14.79 7.11 -5.59
N HIS A 159 -16.08 6.85 -5.46
CA HIS A 159 -16.60 5.49 -5.51
C HIS A 159 -16.93 5.15 -6.96
N ASP A 160 -16.17 4.22 -7.54
CA ASP A 160 -16.21 4.01 -8.98
C ASP A 160 -17.51 3.34 -9.44
N ASP A 161 -17.96 2.31 -8.70
CA ASP A 161 -19.15 1.57 -9.09
C ASP A 161 -20.40 2.45 -9.11
N GLN A 162 -20.36 3.60 -8.44
CA GLN A 162 -21.45 4.56 -8.50
C GLN A 162 -21.25 5.53 -9.66
N HIS A 163 -20.14 6.25 -9.64
CA HIS A 163 -19.98 7.47 -10.42
C HIS A 163 -19.36 7.26 -11.79
N GLY A 164 -18.49 6.26 -11.95
CA GLY A 164 -17.91 6.02 -13.27
C GLY A 164 -18.95 5.58 -14.28
N THR A 165 -19.78 4.60 -13.89
CA THR A 165 -20.86 4.16 -14.74
C THR A 165 -21.89 5.25 -14.96
N ALA A 166 -22.11 6.11 -13.97
CA ALA A 166 -23.00 7.25 -14.15
C ALA A 166 -22.46 8.20 -15.21
N ILE A 167 -21.16 8.49 -15.18
CA ILE A 167 -20.55 9.38 -16.17
C ILE A 167 -20.71 8.78 -17.56
N ILE A 168 -20.42 7.49 -17.71
CA ILE A 168 -20.50 6.88 -19.03
C ILE A 168 -21.94 6.83 -19.53
N SER A 169 -22.89 6.47 -18.66
CA SER A 169 -24.29 6.39 -19.07
C SER A 169 -24.85 7.77 -19.43
N THR A 170 -24.46 8.81 -18.68
CA THR A 170 -24.90 10.16 -19.00
C THR A 170 -24.32 10.62 -20.33
N ALA A 171 -23.06 10.27 -20.61
CA ALA A 171 -22.48 10.60 -21.90
C ALA A 171 -23.23 9.92 -23.04
N ALA A 172 -23.70 8.69 -22.82
CA ALA A 172 -24.45 7.96 -23.84
C ALA A 172 -25.84 8.51 -24.06
N ILE A 173 -26.51 8.97 -23.00
CA ILE A 173 -27.87 9.50 -23.14
C ILE A 173 -27.85 10.83 -23.87
N LEU A 174 -26.86 11.68 -23.59
CA LEU A 174 -26.73 12.95 -24.30
C LEU A 174 -26.50 12.75 -25.79
N ASN A 175 -25.63 11.81 -26.15
CA ASN A 175 -25.37 11.53 -27.55
C ASN A 175 -26.59 10.92 -28.23
N GLY A 176 -27.28 10.02 -27.53
CA GLY A 176 -28.48 9.42 -28.10
C GLY A 176 -29.62 10.40 -28.27
N LEU A 177 -29.75 11.35 -27.33
CA LEU A 177 -30.75 12.39 -27.48
C LEU A 177 -30.49 13.21 -28.73
N ARG A 178 -29.22 13.40 -29.10
CA ARG A 178 -28.89 14.08 -30.35
C ARG A 178 -29.34 13.27 -31.55
N VAL A 179 -29.13 11.96 -31.53
CA VAL A 179 -29.53 11.11 -32.65
C VAL A 179 -31.03 11.16 -32.84
N VAL A 180 -31.78 11.00 -31.74
CA VAL A 180 -33.24 10.96 -31.84
C VAL A 180 -33.89 12.33 -31.76
N GLU A 181 -33.10 13.39 -31.54
CA GLU A 181 -33.55 14.78 -31.65
C GLU A 181 -34.62 15.12 -30.60
N LYS A 182 -34.32 14.83 -29.35
CA LYS A 182 -35.20 15.18 -28.24
C LYS A 182 -34.47 16.10 -27.27
N ASN A 183 -35.19 16.57 -26.26
CA ASN A 183 -34.65 17.50 -25.28
C ASN A 183 -34.60 16.86 -23.89
N ILE A 184 -33.53 17.17 -23.16
CA ILE A 184 -33.30 16.57 -21.84
C ILE A 184 -34.37 16.99 -20.84
N SER A 185 -34.99 18.15 -21.04
CA SER A 185 -35.97 18.69 -20.10
C SER A 185 -37.38 18.17 -20.34
N ASP A 186 -37.61 17.36 -21.36
CA ASP A 186 -38.94 16.86 -21.68
C ASP A 186 -39.06 15.34 -21.63
N VAL A 187 -37.96 14.63 -21.53
CA VAL A 187 -37.93 13.19 -21.74
C VAL A 187 -38.49 12.47 -20.52
N ARG A 188 -39.29 11.45 -20.76
CA ARG A 188 -39.79 10.57 -19.71
C ARG A 188 -38.84 9.38 -19.55
N MET A 189 -38.30 9.20 -18.35
CA MET A 189 -37.34 8.15 -18.07
C MET A 189 -37.93 7.15 -17.07
N VAL A 190 -37.73 5.87 -17.32
CA VAL A 190 -38.11 4.79 -16.43
C VAL A 190 -36.84 4.08 -15.99
N VAL A 191 -36.70 3.87 -14.68
CA VAL A 191 -35.52 3.22 -14.11
C VAL A 191 -35.93 1.90 -13.49
N SER A 192 -35.23 0.83 -13.84
CA SER A 192 -35.44 -0.49 -13.29
C SER A 192 -34.31 -0.79 -12.32
N GLY A 193 -34.66 -1.05 -11.07
CA GLY A 193 -33.66 -1.31 -10.05
C GLY A 193 -33.16 -0.05 -9.37
N ALA A 194 -32.98 -0.12 -8.06
CA ALA A 194 -32.33 0.92 -7.28
C ALA A 194 -31.15 0.31 -6.56
N GLY A 195 -30.01 0.97 -6.63
CA GLY A 195 -28.80 0.44 -6.03
C GLY A 195 -27.65 1.38 -6.27
N ALA A 196 -26.43 0.82 -6.18
CA ALA A 196 -25.24 1.64 -6.35
C ALA A 196 -25.23 2.32 -7.72
N ALA A 197 -25.43 1.55 -8.78
CA ALA A 197 -25.48 2.08 -10.14
C ALA A 197 -26.94 2.16 -10.56
N ALA A 198 -27.52 3.35 -10.42
CA ALA A 198 -28.93 3.66 -10.66
C ALA A 198 -29.25 4.95 -9.93
N ILE A 199 -29.06 4.94 -8.61
CA ILE A 199 -29.19 6.16 -7.82
C ILE A 199 -28.22 7.23 -8.33
N ALA A 200 -26.96 6.84 -8.51
CA ALA A 200 -25.94 7.79 -8.96
C ALA A 200 -26.24 8.29 -10.37
N CYS A 201 -26.69 7.41 -11.26
CA CYS A 201 -27.04 7.80 -12.62
C CYS A 201 -28.19 8.80 -12.62
N MET A 202 -29.24 8.53 -11.82
CA MET A 202 -30.35 9.46 -11.73
C MET A 202 -29.88 10.82 -11.19
N ASN A 203 -29.00 10.80 -10.19
CA ASN A 203 -28.51 12.05 -9.64
C ASN A 203 -27.77 12.86 -10.70
N LEU A 204 -26.88 12.21 -11.46
CA LEU A 204 -26.13 12.91 -12.50
C LEU A 204 -27.05 13.42 -13.60
N LEU A 205 -28.01 12.60 -14.03
CA LEU A 205 -28.91 13.01 -15.10
C LEU A 205 -29.80 14.16 -14.68
N VAL A 206 -30.22 14.19 -13.41
CA VAL A 206 -30.93 15.35 -12.89
C VAL A 206 -30.03 16.57 -12.89
N ALA A 207 -28.75 16.39 -12.53
CA ALA A 207 -27.80 17.49 -12.55
C ALA A 207 -27.61 18.06 -13.95
N LEU A 208 -27.77 17.24 -14.98
CA LEU A 208 -27.59 17.72 -16.34
C LEU A 208 -28.88 18.24 -16.98
N GLY A 209 -30.04 18.04 -16.36
CA GLY A 209 -31.24 18.67 -16.88
C GLY A 209 -32.51 17.84 -16.88
N LEU A 210 -32.42 16.56 -16.54
CA LEU A 210 -33.60 15.72 -16.47
C LEU A 210 -34.49 16.16 -15.31
N GLN A 211 -35.79 16.19 -15.56
CA GLN A 211 -36.76 16.61 -14.54
C GLN A 211 -37.09 15.45 -13.62
N LYS A 212 -37.12 15.70 -12.31
CA LYS A 212 -37.40 14.62 -11.37
C LYS A 212 -38.85 14.17 -11.41
N HIS A 213 -39.75 14.99 -11.96
CA HIS A 213 -41.13 14.56 -12.14
C HIS A 213 -41.31 13.72 -13.40
N ASN A 214 -40.26 13.55 -14.18
CA ASN A 214 -40.27 12.69 -15.36
C ASN A 214 -39.57 11.36 -15.11
N ILE A 215 -39.36 11.00 -13.85
CA ILE A 215 -38.65 9.80 -13.47
C ILE A 215 -39.55 8.96 -12.57
N VAL A 216 -39.66 7.68 -12.88
CA VAL A 216 -40.31 6.69 -12.02
C VAL A 216 -39.36 5.51 -11.88
N VAL A 217 -39.23 4.99 -10.66
CA VAL A 217 -38.30 3.92 -10.37
C VAL A 217 -39.07 2.66 -9.98
N CYS A 218 -38.49 1.50 -10.31
CA CYS A 218 -39.01 0.20 -9.93
C CYS A 218 -37.87 -0.66 -9.39
N ASP A 219 -38.16 -1.45 -8.37
CA ASP A 219 -37.19 -2.40 -7.81
C ASP A 219 -37.84 -3.77 -7.76
N SER A 220 -37.24 -4.68 -6.98
CA SER A 220 -37.74 -6.04 -6.87
C SER A 220 -39.17 -6.09 -6.33
N LYS A 221 -39.64 -5.04 -5.65
CA LYS A 221 -41.02 -4.96 -5.22
C LYS A 221 -41.96 -4.42 -6.28
N GLY A 222 -41.44 -3.69 -7.25
CA GLY A 222 -42.28 -3.02 -8.23
C GLY A 222 -42.05 -1.53 -8.20
N VAL A 223 -43.07 -0.74 -8.54
CA VAL A 223 -42.91 0.71 -8.54
C VAL A 223 -42.66 1.19 -7.13
N ILE A 224 -41.64 2.04 -6.97
CA ILE A 224 -41.38 2.72 -5.70
C ILE A 224 -42.34 3.91 -5.64
N TYR A 225 -43.46 3.74 -4.95
CA TYR A 225 -44.40 4.83 -4.74
C TYR A 225 -44.40 5.23 -3.27
N GLN A 226 -44.98 6.40 -3.01
CA GLN A 226 -44.95 6.95 -1.65
C GLN A 226 -45.86 6.18 -0.72
N GLY A 227 -45.35 5.85 0.46
CA GLY A 227 -46.08 5.08 1.45
C GLY A 227 -46.34 3.63 1.08
N ARG A 228 -45.37 2.99 0.42
CA ARG A 228 -45.47 1.57 0.10
C ARG A 228 -45.03 0.69 1.25
N GLU A 229 -43.90 1.02 1.88
CA GLU A 229 -43.46 0.34 3.09
C GLU A 229 -43.31 1.38 4.19
N PRO A 230 -43.47 0.97 5.46
CA PRO A 230 -43.49 1.96 6.54
C PRO A 230 -42.25 2.84 6.62
N ASN A 231 -41.06 2.27 6.40
CA ASN A 231 -39.82 3.03 6.48
C ASN A 231 -39.01 2.74 5.22
N MET A 232 -39.27 3.52 4.17
CA MET A 232 -38.49 3.40 2.95
C MET A 232 -37.10 3.99 3.16
N ALA A 233 -36.11 3.40 2.50
CA ALA A 233 -34.74 3.87 2.62
C ALA A 233 -34.59 5.26 2.01
N GLU A 234 -33.63 6.01 2.54
CA GLU A 234 -33.20 7.23 1.87
C GLU A 234 -32.60 6.88 0.51
N THR A 235 -32.68 7.85 -0.40
CA THR A 235 -32.27 7.74 -1.81
C THR A 235 -33.25 6.86 -2.58
N LYS A 236 -34.13 6.16 -1.86
CA LYS A 236 -35.28 5.51 -2.47
C LYS A 236 -36.55 6.32 -2.31
N ALA A 237 -36.65 7.13 -1.26
CA ALA A 237 -37.79 8.01 -1.05
C ALA A 237 -37.64 9.35 -1.75
N ALA A 238 -36.46 9.64 -2.32
CA ALA A 238 -36.29 10.85 -3.12
C ALA A 238 -36.82 10.70 -4.53
N TYR A 239 -37.10 9.47 -4.97
CA TYR A 239 -37.59 9.20 -6.31
C TYR A 239 -38.92 8.46 -6.30
N ALA A 240 -39.53 8.27 -5.14
CA ALA A 240 -40.84 7.64 -5.06
C ALA A 240 -41.90 8.56 -5.66
N VAL A 241 -42.88 7.98 -6.33
CA VAL A 241 -43.93 8.72 -7.01
C VAL A 241 -45.20 8.64 -6.17
N VAL A 242 -46.05 9.66 -6.33
CA VAL A 242 -47.35 9.66 -5.66
C VAL A 242 -48.14 8.43 -6.12
N ASP A 243 -48.85 7.82 -5.18
CA ASP A 243 -49.56 6.58 -5.48
C ASP A 243 -50.66 6.84 -6.50
N ASP A 244 -50.68 6.01 -7.54
CA ASP A 244 -51.66 6.18 -8.62
C ASP A 244 -52.22 4.84 -9.10
N GLY A 245 -52.04 3.76 -8.35
CA GLY A 245 -52.42 2.43 -8.80
C GLY A 245 -51.38 1.72 -9.63
N LYS A 246 -50.26 2.37 -9.94
CA LYS A 246 -49.20 1.76 -10.73
C LYS A 246 -48.30 0.94 -9.81
N ARG A 247 -48.09 -0.32 -10.16
CA ARG A 247 -47.27 -1.20 -9.32
C ARG A 247 -46.27 -2.05 -10.08
N THR A 248 -46.40 -2.23 -11.39
CA THR A 248 -45.50 -3.06 -12.15
C THR A 248 -44.79 -2.23 -13.22
N LEU A 249 -43.81 -2.86 -13.86
CA LEU A 249 -43.06 -2.18 -14.92
C LEU A 249 -43.95 -1.89 -16.13
N ASP A 250 -44.87 -2.80 -16.44
CA ASP A 250 -45.71 -2.63 -17.63
C ASP A 250 -46.65 -1.44 -17.51
N ASP A 251 -46.93 -0.98 -16.29
CA ASP A 251 -47.79 0.19 -16.15
C ASP A 251 -47.09 1.48 -16.56
N VAL A 252 -45.77 1.58 -16.34
CA VAL A 252 -45.07 2.84 -16.47
C VAL A 252 -44.29 2.97 -17.77
N ILE A 253 -44.12 1.87 -18.52
CA ILE A 253 -43.25 1.91 -19.69
C ILE A 253 -43.91 2.54 -20.91
N GLU A 254 -45.23 2.69 -20.92
CA GLU A 254 -45.92 3.23 -22.08
C GLU A 254 -45.60 4.71 -22.24
N GLY A 255 -44.97 5.06 -23.36
CA GLY A 255 -44.58 6.43 -23.62
C GLY A 255 -43.24 6.84 -23.07
N ALA A 256 -42.45 5.91 -22.53
CA ALA A 256 -41.14 6.24 -21.99
C ALA A 256 -40.12 6.41 -23.11
N ASP A 257 -39.41 7.53 -23.10
CA ASP A 257 -38.33 7.73 -24.04
C ASP A 257 -37.10 6.90 -23.67
N ILE A 258 -36.77 6.82 -22.40
CA ILE A 258 -35.54 6.19 -21.93
C ILE A 258 -35.88 5.07 -20.97
N PHE A 259 -35.23 3.92 -21.14
CA PHE A 259 -35.23 2.86 -20.14
C PHE A 259 -33.80 2.74 -19.63
N LEU A 260 -33.64 2.86 -18.32
CA LEU A 260 -32.36 2.64 -17.66
C LEU A 260 -32.49 1.41 -16.77
N GLY A 261 -31.75 0.36 -17.09
CA GLY A 261 -31.84 -0.89 -16.37
C GLY A 261 -30.52 -1.29 -15.74
N CYS A 262 -30.53 -1.53 -14.44
CA CYS A 262 -29.38 -2.07 -13.73
C CYS A 262 -29.85 -3.13 -12.75
N SER A 263 -30.70 -4.06 -13.22
CA SER A 263 -31.36 -4.97 -12.30
C SER A 263 -31.81 -6.22 -13.05
N GLY A 264 -31.04 -7.30 -12.93
CA GLY A 264 -31.49 -8.61 -13.32
C GLY A 264 -31.68 -8.83 -14.80
N PRO A 265 -31.71 -10.09 -15.22
CA PRO A 265 -31.98 -10.41 -16.63
C PRO A 265 -33.45 -10.67 -16.91
N LYS A 266 -33.83 -10.43 -18.16
CA LYS A 266 -35.18 -10.69 -18.67
C LYS A 266 -36.24 -9.91 -17.90
N VAL A 267 -36.01 -8.61 -17.75
CA VAL A 267 -36.95 -7.72 -17.10
C VAL A 267 -37.81 -6.98 -18.11
N LEU A 268 -37.22 -6.51 -19.20
CA LEU A 268 -37.92 -5.81 -20.27
C LEU A 268 -38.22 -6.78 -21.40
N THR A 269 -39.48 -6.85 -21.80
CA THR A 269 -39.92 -7.78 -22.84
C THR A 269 -40.24 -7.02 -24.12
N GLN A 270 -40.57 -7.78 -25.16
CA GLN A 270 -40.79 -7.19 -26.49
C GLN A 270 -42.01 -6.28 -26.49
N GLU A 271 -43.09 -6.68 -25.82
CA GLU A 271 -44.31 -5.87 -25.78
C GLU A 271 -44.07 -4.53 -25.12
N MET A 272 -43.35 -4.52 -24.00
CA MET A 272 -43.07 -3.25 -23.33
C MET A 272 -42.27 -2.31 -24.21
N VAL A 273 -41.29 -2.86 -24.94
CA VAL A 273 -40.52 -2.04 -25.87
C VAL A 273 -41.43 -1.51 -26.99
N LYS A 274 -42.40 -2.31 -27.40
CA LYS A 274 -43.36 -1.86 -28.40
C LYS A 274 -44.19 -0.69 -27.89
N LYS A 275 -44.56 -0.71 -26.62
CA LYS A 275 -45.34 0.38 -26.05
C LYS A 275 -44.52 1.64 -25.79
N MET A 276 -43.20 1.57 -25.92
CA MET A 276 -42.36 2.72 -25.64
C MET A 276 -42.56 3.81 -26.68
N ALA A 277 -42.11 5.02 -26.34
CA ALA A 277 -42.24 6.17 -27.22
C ALA A 277 -41.32 6.02 -28.44
N ARG A 278 -41.47 6.94 -29.39
CA ARG A 278 -40.75 6.82 -30.65
C ARG A 278 -39.25 6.99 -30.46
N ALA A 279 -38.47 6.16 -31.16
CA ALA A 279 -37.02 6.08 -31.07
C ALA A 279 -36.56 5.90 -29.63
N PRO A 280 -36.86 4.75 -29.02
CA PRO A 280 -36.54 4.57 -27.60
C PRO A 280 -35.04 4.47 -27.36
N MET A 281 -34.61 4.99 -26.23
CA MET A 281 -33.25 4.81 -25.74
C MET A 281 -33.28 3.78 -24.63
N ILE A 282 -32.53 2.70 -24.81
CA ILE A 282 -32.53 1.56 -23.89
C ILE A 282 -31.11 1.31 -23.43
N LEU A 283 -30.91 1.25 -22.11
CA LEU A 283 -29.63 0.95 -21.50
C LEU A 283 -29.83 -0.23 -20.55
N ALA A 284 -29.48 -1.43 -21.02
CA ALA A 284 -29.64 -2.66 -20.25
C ALA A 284 -28.27 -3.09 -19.76
N LEU A 285 -27.96 -2.74 -18.51
CA LEU A 285 -26.61 -2.90 -17.98
C LEU A 285 -26.44 -4.13 -17.08
N ALA A 286 -27.47 -4.95 -16.91
CA ALA A 286 -27.34 -6.16 -16.10
C ALA A 286 -26.26 -7.07 -16.69
N ASN A 287 -25.32 -7.49 -15.86
CA ASN A 287 -24.05 -7.97 -16.37
C ASN A 287 -24.04 -9.43 -16.81
N PRO A 288 -24.53 -10.39 -16.02
CA PRO A 288 -24.57 -11.77 -16.54
C PRO A 288 -25.40 -11.88 -17.80
N GLU A 289 -26.48 -11.10 -17.90
CA GLU A 289 -27.37 -11.11 -19.03
C GLU A 289 -28.20 -9.85 -18.97
N PRO A 290 -28.28 -9.08 -20.05
CA PRO A 290 -29.01 -7.81 -20.02
C PRO A 290 -30.50 -8.00 -19.79
N GLU A 291 -31.16 -6.90 -19.41
CA GLU A 291 -32.60 -6.92 -19.21
C GLU A 291 -33.34 -7.36 -20.46
N ILE A 292 -32.81 -7.04 -21.63
CA ILE A 292 -33.29 -7.57 -22.89
C ILE A 292 -32.10 -7.74 -23.82
N LEU A 293 -32.13 -8.79 -24.62
CA LEU A 293 -31.10 -8.99 -25.63
C LEU A 293 -31.25 -7.95 -26.74
N PRO A 294 -30.19 -7.27 -27.14
CA PRO A 294 -30.30 -6.21 -28.15
C PRO A 294 -30.92 -6.70 -29.46
N PRO A 295 -30.64 -7.92 -29.91
CA PRO A 295 -31.37 -8.40 -31.10
C PRO A 295 -32.88 -8.45 -30.92
N LEU A 296 -33.35 -8.79 -29.72
CA LEU A 296 -34.78 -8.93 -29.49
C LEU A 296 -35.52 -7.61 -29.41
N ALA A 297 -34.80 -6.50 -29.25
CA ALA A 297 -35.41 -5.18 -29.23
C ALA A 297 -35.37 -4.50 -30.58
N LYS A 298 -34.27 -4.70 -31.33
CA LYS A 298 -34.12 -4.11 -32.65
C LYS A 298 -35.03 -4.75 -33.69
N GLU A 299 -35.71 -5.84 -33.35
CA GLU A 299 -36.63 -6.45 -34.30
C GLU A 299 -37.99 -5.76 -34.27
N VAL A 300 -38.60 -5.69 -33.10
CA VAL A 300 -39.91 -5.06 -32.95
C VAL A 300 -39.82 -3.56 -33.16
N ARG A 301 -38.74 -2.93 -32.71
CA ARG A 301 -38.50 -1.50 -32.89
C ARG A 301 -37.13 -1.31 -33.49
N PRO A 302 -37.01 -1.27 -34.82
CA PRO A 302 -35.71 -1.11 -35.46
C PRO A 302 -35.13 0.29 -35.35
N ASP A 303 -35.88 1.26 -34.85
CA ASP A 303 -35.40 2.60 -34.63
C ASP A 303 -34.85 2.81 -33.22
N ALA A 304 -34.78 1.75 -32.43
CA ALA A 304 -34.30 1.85 -31.06
C ALA A 304 -32.78 1.96 -31.01
N ILE A 305 -32.29 2.59 -29.94
CA ILE A 305 -30.87 2.71 -29.65
C ILE A 305 -30.62 1.93 -28.36
N ILE A 306 -29.75 0.93 -28.43
CA ILE A 306 -29.54 -0.02 -27.34
C ILE A 306 -28.08 0.03 -26.90
N CYS A 307 -27.86 -0.10 -25.60
CA CYS A 307 -26.55 0.14 -25.00
C CYS A 307 -26.42 -0.76 -23.78
N THR A 308 -25.64 -1.83 -23.90
CA THR A 308 -25.50 -2.81 -22.82
C THR A 308 -24.11 -2.74 -22.20
N GLY A 309 -23.83 -3.67 -21.29
CA GLY A 309 -22.52 -3.83 -20.68
C GLY A 309 -21.69 -4.98 -21.21
N ARG A 310 -22.07 -5.60 -22.31
CA ARG A 310 -21.36 -6.75 -22.86
C ARG A 310 -20.46 -6.33 -24.01
N SER A 311 -19.44 -7.15 -24.27
CA SER A 311 -18.47 -6.86 -25.32
C SER A 311 -18.92 -7.30 -26.71
N ASP A 312 -19.94 -8.14 -26.81
CA ASP A 312 -20.37 -8.68 -28.10
C ASP A 312 -21.48 -7.87 -28.75
N TYR A 313 -21.82 -6.71 -28.20
CA TYR A 313 -22.81 -5.80 -28.74
C TYR A 313 -22.21 -4.41 -28.84
N PRO A 314 -22.73 -3.57 -29.73
CA PRO A 314 -22.23 -2.19 -29.80
C PRO A 314 -22.66 -1.36 -28.60
N ASN A 315 -21.94 -0.25 -28.41
CA ASN A 315 -22.21 0.71 -27.34
C ASN A 315 -22.11 0.05 -25.96
N GLN A 316 -20.90 -0.42 -25.64
CA GLN A 316 -20.67 -1.11 -24.38
C GLN A 316 -20.32 -0.09 -23.30
N VAL A 317 -21.00 -0.19 -22.16
CA VAL A 317 -20.67 0.61 -20.98
C VAL A 317 -19.61 -0.17 -20.21
N ASN A 318 -18.37 0.25 -20.33
CA ASN A 318 -17.24 -0.35 -19.63
C ASN A 318 -16.62 0.71 -18.74
N ASN A 319 -16.46 0.38 -17.46
CA ASN A 319 -16.00 1.38 -16.50
C ASN A 319 -14.56 1.81 -16.72
N VAL A 320 -13.80 1.04 -17.50
CA VAL A 320 -12.44 1.44 -17.86
C VAL A 320 -12.41 2.71 -18.69
N LEU A 321 -13.56 3.22 -19.09
CA LEU A 321 -13.65 4.41 -19.92
C LEU A 321 -13.35 5.70 -19.16
N CYS A 322 -13.50 5.73 -17.83
CA CYS A 322 -13.35 7.03 -17.19
C CYS A 322 -12.42 7.06 -15.99
N PHE A 323 -12.43 6.04 -15.13
CA PHE A 323 -11.78 6.20 -13.83
C PHE A 323 -10.28 6.48 -13.92
N PRO A 324 -9.47 5.79 -14.74
CA PRO A 324 -8.04 6.15 -14.79
C PRO A 324 -7.81 7.59 -15.18
N PHE A 325 -8.58 8.08 -16.15
CA PHE A 325 -8.32 9.40 -16.73
C PHE A 325 -8.85 10.52 -15.86
N ILE A 326 -9.99 10.34 -15.20
CA ILE A 326 -10.43 11.35 -14.24
C ILE A 326 -9.46 11.43 -13.07
N PHE A 327 -8.93 10.29 -12.62
CA PHE A 327 -7.97 10.34 -11.53
C PHE A 327 -6.65 10.97 -11.99
N ARG A 328 -6.25 10.72 -13.23
CA ARG A 328 -5.04 11.36 -13.76
C ARG A 328 -5.21 12.88 -13.82
N GLY A 329 -6.35 13.34 -14.32
CA GLY A 329 -6.60 14.77 -14.35
C GLY A 329 -6.64 15.41 -12.98
N ALA A 330 -7.27 14.75 -12.01
CA ALA A 330 -7.29 15.28 -10.65
C ALA A 330 -5.90 15.30 -10.03
N LEU A 331 -5.13 14.22 -10.19
CA LEU A 331 -3.82 14.13 -9.56
C LEU A 331 -2.85 15.16 -10.12
N ASP A 332 -2.89 15.39 -11.44
CA ASP A 332 -1.88 16.24 -12.05
C ASP A 332 -2.02 17.70 -11.66
N VAL A 333 -3.16 18.11 -11.11
CA VAL A 333 -3.39 19.49 -10.73
C VAL A 333 -3.45 19.67 -9.22
N GLY A 334 -3.25 18.59 -8.45
CA GLY A 334 -3.32 18.63 -7.01
C GLY A 334 -4.69 18.98 -6.45
N ALA A 335 -5.74 18.41 -7.03
CA ALA A 335 -7.09 18.74 -6.59
C ALA A 335 -7.40 18.09 -5.25
N THR A 336 -8.13 18.81 -4.41
CA THR A 336 -8.53 18.30 -3.11
C THR A 336 -9.88 17.60 -3.14
N ALA A 337 -10.53 17.55 -4.29
CA ALA A 337 -11.82 16.89 -4.45
C ALA A 337 -12.04 16.59 -5.93
N ILE A 338 -13.02 15.74 -6.18
CA ILE A 338 -13.60 15.55 -7.51
C ILE A 338 -15.06 15.98 -7.39
N ASN A 339 -15.35 17.23 -7.74
CA ASN A 339 -16.68 17.79 -7.51
C ASN A 339 -17.59 17.46 -8.70
N GLU A 340 -18.73 18.14 -8.77
CA GLU A 340 -19.70 17.92 -9.85
C GLU A 340 -19.24 18.53 -11.17
N GLU A 341 -18.60 19.70 -11.13
CA GLU A 341 -18.13 20.33 -12.36
C GLU A 341 -17.04 19.49 -13.02
N MET A 342 -16.15 18.91 -12.23
CA MET A 342 -15.14 18.02 -12.76
C MET A 342 -15.78 16.77 -13.34
N LYS A 343 -16.83 16.29 -12.69
CA LYS A 343 -17.55 15.10 -13.14
C LYS A 343 -18.31 15.38 -14.44
N LEU A 344 -18.88 16.58 -14.57
CA LEU A 344 -19.57 16.96 -15.80
C LEU A 344 -18.60 17.30 -16.92
N ALA A 345 -17.39 17.75 -16.60
CA ALA A 345 -16.36 17.92 -17.61
C ALA A 345 -15.95 16.60 -18.24
N ALA A 346 -16.02 15.50 -17.49
CA ALA A 346 -15.75 14.18 -18.02
C ALA A 346 -16.87 13.66 -18.91
N VAL A 347 -18.12 13.97 -18.58
CA VAL A 347 -19.24 13.53 -19.43
C VAL A 347 -19.16 14.19 -20.79
N ARG A 348 -18.89 15.49 -20.83
CA ARG A 348 -18.87 16.22 -22.10
C ARG A 348 -17.72 15.75 -22.99
N ALA A 349 -16.54 15.49 -22.42
CA ALA A 349 -15.41 15.05 -23.23
C ALA A 349 -15.67 13.69 -23.86
N ILE A 350 -16.25 12.76 -23.10
CA ILE A 350 -16.53 11.42 -23.60
C ILE A 350 -17.56 11.47 -24.72
N ALA A 351 -18.64 12.24 -24.54
CA ALA A 351 -19.64 12.37 -25.58
C ALA A 351 -19.08 13.05 -26.82
N GLU A 352 -18.26 14.09 -26.61
CA GLU A 352 -17.65 14.79 -27.74
C GLU A 352 -16.74 13.88 -28.54
N LEU A 353 -15.98 13.02 -27.87
CA LEU A 353 -15.06 12.13 -28.56
C LEU A 353 -15.77 11.21 -29.55
N ALA A 354 -17.07 10.96 -29.38
CA ALA A 354 -17.77 10.03 -30.22
C ALA A 354 -18.59 10.68 -31.34
N HIS A 355 -18.95 11.96 -31.20
CA HIS A 355 -19.68 12.67 -32.25
C HIS A 355 -18.84 13.77 -32.88
N ALA A 356 -17.57 13.85 -32.55
CA ALA A 356 -16.61 14.72 -33.23
C ALA A 356 -15.31 13.93 -33.42
N GLU A 357 -15.45 12.70 -33.89
CA GLU A 357 -14.30 11.82 -34.06
C GLU A 357 -13.55 12.18 -35.33
N GLN A 358 -12.23 12.17 -35.26
CA GLN A 358 -11.34 12.52 -36.37
C GLN A 358 -10.27 11.45 -36.54
N SER A 359 -10.69 10.19 -36.51
CA SER A 359 -9.90 8.97 -36.69
C SER A 359 -8.39 9.16 -36.76
N GLU A 360 -7.83 9.06 -37.97
CA GLU A 360 -6.40 9.20 -38.25
C GLU A 360 -5.61 7.99 -37.75
N VAL A 361 -4.76 7.44 -38.61
CA VAL A 361 -3.90 6.30 -38.30
C VAL A 361 -4.75 5.12 -37.82
N VAL A 362 -5.56 4.57 -38.72
CA VAL A 362 -6.39 3.41 -38.43
C VAL A 362 -5.50 2.18 -38.33
N ALA A 363 -6.07 1.07 -37.87
CA ALA A 363 -5.29 -0.16 -37.73
C ALA A 363 -5.19 -0.89 -39.06
N SER A 364 -4.74 -0.18 -40.09
CA SER A 364 -4.62 -0.70 -41.45
C SER A 364 -5.93 -1.36 -41.83
N ALA A 365 -5.87 -2.38 -42.69
CA ALA A 365 -7.04 -3.23 -42.89
C ALA A 365 -7.31 -4.14 -41.71
N TYR A 366 -6.36 -4.21 -40.77
CA TYR A 366 -6.46 -5.12 -39.63
C TYR A 366 -7.42 -4.57 -38.59
N GLY A 367 -8.71 -4.81 -38.76
CA GLY A 367 -9.67 -4.37 -37.78
C GLY A 367 -11.02 -4.10 -38.43
N ASP A 368 -11.75 -3.16 -37.82
CA ASP A 368 -13.06 -2.76 -38.32
C ASP A 368 -13.36 -1.39 -37.74
N GLN A 369 -13.27 -0.34 -38.57
CA GLN A 369 -13.28 1.02 -38.02
C GLN A 369 -14.69 1.51 -37.72
N ASP A 370 -15.47 1.77 -38.77
CA ASP A 370 -16.87 2.23 -38.70
C ASP A 370 -17.15 3.17 -37.53
N LEU A 371 -16.23 4.09 -37.26
CA LEU A 371 -16.39 5.08 -36.19
C LEU A 371 -17.25 6.25 -36.67
N SER A 372 -18.44 5.91 -37.17
CA SER A 372 -19.41 6.89 -37.63
C SER A 372 -20.45 7.10 -36.54
N PHE A 373 -20.63 8.35 -36.13
CA PHE A 373 -21.60 8.65 -35.09
C PHE A 373 -23.00 8.34 -35.55
N GLY A 374 -23.72 7.55 -34.75
CA GLY A 374 -25.04 7.08 -35.09
C GLY A 374 -25.55 6.09 -34.08
N PRO A 375 -26.65 5.42 -34.39
CA PRO A 375 -27.24 4.48 -33.42
C PRO A 375 -26.30 3.38 -33.00
N GLU A 376 -25.37 2.97 -33.85
CA GLU A 376 -24.47 1.86 -33.55
C GLU A 376 -23.16 2.31 -32.92
N TYR A 377 -22.83 3.60 -32.98
CA TYR A 377 -21.59 4.11 -32.37
C TYR A 377 -21.95 5.38 -31.60
N ILE A 378 -22.37 5.21 -30.35
CA ILE A 378 -22.83 6.33 -29.55
C ILE A 378 -21.80 6.75 -28.50
N ILE A 379 -20.92 5.86 -28.06
CA ILE A 379 -19.87 6.19 -27.11
C ILE A 379 -18.56 5.59 -27.61
N PRO A 380 -17.42 6.13 -27.17
CA PRO A 380 -16.13 5.59 -27.61
C PRO A 380 -15.94 4.13 -27.17
N LYS A 381 -15.12 3.42 -27.93
CA LYS A 381 -14.79 2.05 -27.60
C LYS A 381 -13.91 1.97 -26.35
N PRO A 382 -14.00 0.89 -25.58
CA PRO A 382 -13.36 0.86 -24.25
C PRO A 382 -11.86 1.12 -24.20
N PHE A 383 -11.08 0.73 -25.21
CA PHE A 383 -9.64 0.95 -25.11
C PHE A 383 -9.13 1.94 -26.14
N ASP A 384 -9.86 3.02 -26.34
CA ASP A 384 -9.49 4.00 -27.35
C ASP A 384 -8.32 4.83 -26.84
N PRO A 385 -7.21 4.89 -27.58
CA PRO A 385 -6.01 5.58 -27.08
C PRO A 385 -6.16 7.08 -26.85
N ARG A 386 -7.16 7.73 -27.43
CA ARG A 386 -7.31 9.18 -27.25
C ARG A 386 -8.06 9.58 -25.98
N LEU A 387 -8.58 8.62 -25.21
CA LEU A 387 -9.36 8.95 -24.03
C LEU A 387 -8.55 9.68 -22.96
N ILE A 388 -7.26 9.39 -22.82
CA ILE A 388 -6.42 10.09 -21.86
C ILE A 388 -6.17 11.54 -22.27
N VAL A 389 -6.08 11.85 -23.56
CA VAL A 389 -5.77 13.20 -24.01
C VAL A 389 -6.98 14.10 -24.08
N LYS A 390 -8.19 13.54 -24.01
CA LYS A 390 -9.42 14.30 -24.00
C LYS A 390 -9.95 14.57 -22.61
N ILE A 391 -9.96 13.55 -21.74
CA ILE A 391 -10.63 13.66 -20.46
C ILE A 391 -9.75 14.38 -19.43
N ALA A 392 -8.50 13.97 -19.30
CA ALA A 392 -7.65 14.48 -18.23
C ALA A 392 -7.45 15.99 -18.28
N PRO A 393 -7.12 16.61 -19.42
CA PRO A 393 -7.05 18.09 -19.43
C PRO A 393 -8.38 18.78 -19.15
N ALA A 394 -9.50 18.19 -19.58
CA ALA A 394 -10.80 18.79 -19.28
C ALA A 394 -11.10 18.76 -17.79
N VAL A 395 -10.83 17.62 -17.13
CA VAL A 395 -11.02 17.52 -15.69
C VAL A 395 -10.08 18.46 -14.96
N ALA A 396 -8.84 18.57 -15.42
CA ALA A 396 -7.88 19.48 -14.79
C ALA A 396 -8.32 20.93 -14.89
N LYS A 397 -8.78 21.36 -16.07
CA LYS A 397 -9.24 22.72 -16.25
C LYS A 397 -10.50 23.00 -15.43
N ALA A 398 -11.41 22.03 -15.34
CA ALA A 398 -12.59 22.18 -14.49
C ALA A 398 -12.19 22.31 -13.03
N ALA A 399 -11.20 21.54 -12.59
CA ALA A 399 -10.70 21.66 -11.23
C ALA A 399 -10.12 23.04 -10.99
N MET A 400 -9.44 23.60 -11.98
CA MET A 400 -8.86 24.93 -11.83
C MET A 400 -9.92 26.03 -11.80
N GLU A 401 -11.10 25.79 -12.36
CA GLU A 401 -12.16 26.79 -12.39
C GLU A 401 -13.06 26.75 -11.16
N SER A 402 -13.18 25.62 -10.49
CA SER A 402 -13.97 25.51 -9.26
C SER A 402 -13.14 25.75 -8.01
N GLY A 403 -11.87 26.11 -8.16
CA GLY A 403 -11.04 26.51 -7.04
C GLY A 403 -10.53 25.39 -6.17
N VAL A 404 -10.52 24.14 -6.64
CA VAL A 404 -10.08 23.03 -5.83
C VAL A 404 -8.67 22.55 -6.19
N ALA A 405 -8.02 23.19 -7.16
CA ALA A 405 -6.68 22.83 -7.58
C ALA A 405 -5.65 23.55 -6.71
N THR A 406 -4.61 22.83 -6.30
CA THR A 406 -3.50 23.42 -5.56
C THR A 406 -2.22 23.56 -6.36
N ARG A 407 -2.11 22.87 -7.49
CA ARG A 407 -0.94 22.94 -8.36
C ARG A 407 -1.40 23.18 -9.79
N PRO A 408 -1.89 24.37 -10.10
CA PRO A 408 -2.49 24.62 -11.42
C PRO A 408 -1.47 24.48 -12.55
N ILE A 409 -1.98 24.06 -13.71
CA ILE A 409 -1.16 23.84 -14.89
C ILE A 409 -0.97 25.17 -15.62
N ALA A 410 0.29 25.54 -15.85
CA ALA A 410 0.57 26.83 -16.50
C ALA A 410 0.26 26.79 -17.98
N ASP A 411 0.64 25.71 -18.68
CA ASP A 411 0.49 25.61 -20.12
C ASP A 411 -0.11 24.24 -20.46
N PHE A 412 -1.31 24.25 -21.04
CA PHE A 412 -1.98 22.99 -21.36
C PHE A 412 -1.45 22.34 -22.64
N ASP A 413 -0.74 23.09 -23.48
CA ASP A 413 -0.09 22.48 -24.63
C ASP A 413 1.00 21.52 -24.21
N VAL A 414 1.82 21.93 -23.23
CA VAL A 414 2.85 21.06 -22.69
C VAL A 414 2.22 19.82 -22.04
N TYR A 415 1.13 20.03 -21.30
CA TYR A 415 0.44 18.91 -20.66
C TYR A 415 -0.10 17.92 -21.68
N ILE A 416 -0.70 18.42 -22.75
CA ILE A 416 -1.25 17.55 -23.78
C ILE A 416 -0.12 16.81 -24.51
N ASP A 417 1.01 17.48 -24.74
CA ASP A 417 2.15 16.82 -25.35
C ASP A 417 2.67 15.69 -24.48
N LYS A 418 2.76 15.92 -23.16
CA LYS A 418 3.18 14.87 -22.24
C LYS A 418 2.22 13.68 -22.27
N LEU A 419 0.91 13.95 -22.26
CA LEU A 419 -0.05 12.84 -22.28
C LEU A 419 0.02 12.05 -23.58
N THR A 420 0.17 12.75 -24.71
CA THR A 420 0.33 12.05 -25.99
C THR A 420 1.61 11.23 -26.00
N GLU A 421 2.69 11.77 -25.45
CA GLU A 421 3.92 11.02 -25.30
C GLU A 421 3.68 9.73 -24.53
N PHE A 422 2.95 9.82 -23.41
CA PHE A 422 2.65 8.62 -22.64
C PHE A 422 1.87 7.61 -23.47
N VAL A 423 0.86 8.09 -24.21
CA VAL A 423 0.00 7.14 -24.91
C VAL A 423 0.68 6.50 -26.12
N TYR A 424 1.70 7.14 -26.68
CA TYR A 424 2.43 6.51 -27.77
C TYR A 424 3.21 5.30 -27.30
N LYS A 425 3.67 5.31 -26.04
CA LYS A 425 4.41 4.20 -25.45
C LYS A 425 3.54 3.01 -25.12
N THR A 426 2.29 2.99 -25.59
CA THR A 426 1.37 1.90 -25.25
C THR A 426 0.37 1.78 -26.40
N ASN A 427 0.45 0.69 -27.14
CA ASN A 427 -0.54 0.37 -28.15
C ASN A 427 -0.94 -1.09 -28.00
N LEU A 428 -2.20 -1.38 -28.30
CA LEU A 428 -2.75 -2.73 -28.27
C LEU A 428 -3.17 -3.06 -29.69
N PHE A 429 -2.24 -3.51 -30.51
CA PHE A 429 -2.55 -3.83 -31.89
C PHE A 429 -2.97 -5.28 -32.09
N MET A 430 -2.72 -6.15 -31.10
CA MET A 430 -3.14 -7.55 -31.25
C MET A 430 -4.66 -7.68 -31.12
N LYS A 431 -5.30 -6.75 -30.42
CA LYS A 431 -6.76 -6.80 -30.26
C LYS A 431 -7.49 -6.65 -31.59
N PRO A 432 -7.21 -5.67 -32.45
CA PRO A 432 -7.85 -5.64 -33.76
C PRO A 432 -7.54 -6.87 -34.60
N ILE A 433 -6.33 -7.42 -34.48
CA ILE A 433 -5.97 -8.60 -35.27
C ILE A 433 -6.82 -9.79 -34.85
N PHE A 434 -6.92 -10.03 -33.54
CA PHE A 434 -7.74 -11.12 -33.04
C PHE A 434 -9.20 -10.92 -33.42
N SER A 435 -9.71 -9.69 -33.29
CA SER A 435 -11.10 -9.42 -33.65
C SER A 435 -11.35 -9.72 -35.12
N GLN A 436 -10.50 -9.21 -36.01
CA GLN A 436 -10.67 -9.46 -37.44
C GLN A 436 -10.55 -10.95 -37.76
N ALA A 437 -9.60 -11.63 -37.12
CA ALA A 437 -9.41 -13.05 -37.37
C ALA A 437 -10.60 -13.88 -36.88
N ARG A 438 -11.36 -13.38 -35.91
CA ARG A 438 -12.56 -14.07 -35.47
C ARG A 438 -13.53 -14.30 -36.63
N LYS A 439 -13.68 -13.32 -37.50
CA LYS A 439 -14.53 -13.45 -38.68
C LYS A 439 -13.84 -14.29 -39.75
N ASP B 1 26.92 20.06 5.42
CA ASP B 1 25.47 20.06 5.62
C ASP B 1 24.75 20.58 4.39
N ASP B 2 25.04 21.83 4.03
CA ASP B 2 24.35 22.45 2.89
C ASP B 2 24.61 21.68 1.61
N GLN B 3 25.86 21.25 1.40
CA GLN B 3 26.16 20.39 0.25
C GLN B 3 25.39 19.08 0.34
N LEU B 4 25.42 18.44 1.52
CA LEU B 4 24.72 17.19 1.71
C LEU B 4 23.21 17.37 1.56
N LYS B 5 22.68 18.46 2.14
CA LYS B 5 21.26 18.76 2.02
C LYS B 5 20.85 18.89 0.55
N GLN B 6 21.58 19.70 -0.21
CA GLN B 6 21.21 19.92 -1.60
C GLN B 6 21.33 18.64 -2.42
N SER B 7 22.35 17.82 -2.15
CA SER B 7 22.48 16.58 -2.89
C SER B 7 21.36 15.60 -2.55
N ALA B 8 20.93 15.58 -1.29
CA ALA B 8 19.89 14.64 -0.88
C ALA B 8 18.52 15.06 -1.41
N LEU B 9 18.22 16.36 -1.40
CA LEU B 9 16.95 16.81 -1.97
C LEU B 9 16.87 16.46 -3.44
N ASP B 10 17.95 16.71 -4.18
CA ASP B 10 17.96 16.44 -5.61
C ASP B 10 18.03 14.95 -5.91
N PHE B 11 18.39 14.13 -4.92
CA PHE B 11 18.62 12.71 -5.17
C PHE B 11 17.41 12.07 -5.82
N HIS B 12 16.23 12.28 -5.27
CA HIS B 12 15.03 12.00 -6.03
C HIS B 12 13.98 13.08 -5.80
N GLU B 13 14.07 14.12 -6.62
CA GLU B 13 12.99 15.05 -6.92
C GLU B 13 12.88 15.17 -8.43
N PHE B 14 14.03 15.10 -9.10
CA PHE B 14 14.19 15.56 -10.49
C PHE B 14 13.84 14.56 -11.59
N PRO B 15 14.31 13.30 -11.56
CA PRO B 15 13.90 12.37 -12.63
C PRO B 15 12.40 12.15 -12.57
N VAL B 16 11.95 11.62 -11.44
CA VAL B 16 10.55 11.60 -11.04
C VAL B 16 10.48 11.93 -9.56
N PRO B 17 9.31 12.28 -9.04
CA PRO B 17 9.21 12.53 -7.60
C PRO B 17 9.23 11.23 -6.81
N GLY B 18 10.12 11.16 -5.82
CA GLY B 18 10.11 10.10 -4.84
C GLY B 18 10.55 8.73 -5.34
N LYS B 19 11.02 7.90 -4.42
CA LYS B 19 11.33 6.52 -4.73
C LYS B 19 10.03 5.74 -4.91
N ILE B 20 10.15 4.44 -5.17
CA ILE B 20 9.02 3.50 -5.18
C ILE B 20 8.14 3.68 -6.42
N GLN B 21 7.75 2.56 -7.01
CA GLN B 21 6.73 2.51 -8.04
C GLN B 21 6.09 1.13 -7.99
N VAL B 22 4.86 1.03 -8.48
CA VAL B 22 4.15 -0.24 -8.47
C VAL B 22 4.08 -0.75 -9.90
N SER B 23 4.56 -1.98 -10.12
CA SER B 23 4.69 -2.54 -11.45
C SER B 23 3.94 -3.86 -11.53
N PRO B 24 3.22 -4.13 -12.61
CA PRO B 24 2.65 -5.47 -12.80
C PRO B 24 3.72 -6.50 -13.08
N THR B 25 3.43 -7.74 -12.70
CA THR B 25 4.36 -8.85 -12.88
C THR B 25 3.98 -9.77 -14.03
N LYS B 26 2.91 -9.47 -14.74
CA LYS B 26 2.57 -10.19 -15.94
C LYS B 26 2.42 -9.21 -17.10
N PRO B 27 2.88 -9.59 -18.30
CA PRO B 27 2.63 -8.75 -19.47
C PRO B 27 1.14 -8.60 -19.75
N LEU B 28 0.75 -7.37 -20.11
CA LEU B 28 -0.63 -6.98 -20.36
C LEU B 28 -0.67 -6.24 -21.69
N ALA B 29 -0.76 -6.97 -22.81
CA ALA B 29 -1.18 -6.31 -24.04
C ALA B 29 -1.89 -7.34 -24.93
N THR B 30 -3.18 -7.52 -24.67
CA THR B 30 -4.19 -8.08 -25.57
C THR B 30 -5.47 -8.18 -24.76
N GLN B 31 -6.56 -8.53 -25.44
CA GLN B 31 -7.67 -9.12 -24.72
C GLN B 31 -7.33 -10.57 -24.37
N ARG B 32 -8.13 -11.15 -23.48
CA ARG B 32 -7.86 -12.46 -22.89
C ARG B 32 -6.71 -12.35 -21.91
N ASP B 33 -5.99 -11.23 -21.94
CA ASP B 33 -5.00 -10.89 -20.93
C ASP B 33 -5.55 -9.89 -19.93
N LEU B 34 -6.31 -8.91 -20.41
CA LEU B 34 -7.19 -8.16 -19.54
C LEU B 34 -8.58 -8.79 -19.54
N ALA B 35 -8.60 -10.11 -19.43
CA ALA B 35 -9.82 -10.86 -19.19
C ALA B 35 -9.57 -12.01 -18.24
N LEU B 36 -8.31 -12.25 -17.87
CA LEU B 36 -7.95 -13.11 -16.74
C LEU B 36 -7.46 -12.31 -15.55
N ALA B 37 -6.85 -11.14 -15.78
CA ALA B 37 -6.44 -10.24 -14.70
C ALA B 37 -7.59 -9.40 -14.16
N TYR B 38 -8.74 -9.44 -14.81
CA TYR B 38 -9.95 -8.75 -14.42
C TYR B 38 -11.09 -9.51 -15.07
N SER B 39 -12.27 -8.88 -15.20
CA SER B 39 -13.30 -9.42 -16.09
C SER B 39 -13.79 -10.74 -15.50
N PRO B 40 -14.48 -11.63 -16.24
CA PRO B 40 -14.86 -12.91 -15.63
C PRO B 40 -13.69 -13.77 -15.17
N GLY B 41 -12.47 -13.53 -15.68
CA GLY B 41 -11.35 -14.37 -15.29
C GLY B 41 -11.00 -14.25 -13.83
N VAL B 42 -10.96 -13.03 -13.30
CA VAL B 42 -10.51 -12.79 -11.93
C VAL B 42 -11.46 -13.37 -10.89
N ALA B 43 -12.64 -13.83 -11.29
CA ALA B 43 -13.57 -14.42 -10.33
C ALA B 43 -13.14 -15.81 -9.86
N ALA B 44 -12.33 -16.53 -10.64
CA ALA B 44 -11.90 -17.87 -10.27
C ALA B 44 -10.97 -17.87 -9.05
N PRO B 45 -9.93 -17.01 -8.99
CA PRO B 45 -9.15 -16.94 -7.76
C PRO B 45 -9.96 -16.53 -6.55
N CYS B 46 -10.94 -15.62 -6.73
CA CYS B 46 -11.73 -15.13 -5.61
C CYS B 46 -12.55 -16.25 -4.96
N LEU B 47 -13.13 -17.12 -5.77
CA LEU B 47 -13.92 -18.22 -5.23
C LEU B 47 -13.05 -19.30 -4.60
N GLU B 48 -11.78 -19.38 -4.98
CA GLU B 48 -10.86 -20.31 -4.30
C GLU B 48 -10.56 -19.84 -2.88
N ILE B 49 -10.28 -18.54 -2.72
CA ILE B 49 -9.94 -18.01 -1.41
C ILE B 49 -11.14 -18.01 -0.48
N GLU B 50 -12.35 -17.90 -1.01
CA GLU B 50 -13.55 -17.97 -0.18
C GLU B 50 -13.69 -19.35 0.46
N LYS B 51 -13.37 -20.40 -0.29
CA LYS B 51 -13.45 -21.75 0.27
C LYS B 51 -12.33 -22.01 1.27
N ASP B 52 -11.09 -21.65 0.92
CA ASP B 52 -9.93 -21.88 1.77
C ASP B 52 -9.07 -20.63 1.84
N PRO B 53 -9.04 -19.95 2.99
CA PRO B 53 -8.27 -18.69 3.08
C PRO B 53 -6.78 -18.87 2.92
N LEU B 54 -6.25 -20.08 3.06
CA LEU B 54 -4.83 -20.31 2.87
C LEU B 54 -4.38 -20.19 1.42
N LYS B 55 -5.31 -20.27 0.46
CA LYS B 55 -4.97 -20.16 -0.95
C LYS B 55 -4.66 -18.73 -1.36
N ALA B 56 -4.81 -17.76 -0.46
CA ALA B 56 -4.42 -16.38 -0.73
C ALA B 56 -2.92 -16.23 -0.95
N TYR B 57 -2.13 -17.21 -0.55
CA TYR B 57 -0.70 -17.17 -0.79
C TYR B 57 -0.32 -17.69 -2.17
N LYS B 58 -1.19 -18.45 -2.81
CA LYS B 58 -0.94 -19.01 -4.14
C LYS B 58 -1.31 -18.04 -5.25
N TYR B 59 -2.46 -17.39 -5.14
CA TYR B 59 -3.04 -16.58 -6.20
C TYR B 59 -2.85 -15.09 -5.99
N THR B 60 -2.12 -14.67 -4.97
CA THR B 60 -2.06 -13.27 -4.57
C THR B 60 -0.66 -13.00 -4.04
N ALA B 61 -0.28 -11.72 -4.03
CA ALA B 61 1.02 -11.27 -3.56
C ALA B 61 1.10 -11.12 -2.04
N ARG B 62 0.19 -11.70 -1.26
CA ARG B 62 0.20 -11.51 0.19
C ARG B 62 1.39 -12.20 0.87
N GLY B 63 1.84 -13.33 0.34
CA GLY B 63 2.95 -14.05 0.93
C GLY B 63 4.28 -13.33 0.84
N ASN B 64 4.37 -12.25 0.07
CA ASN B 64 5.60 -11.49 -0.11
C ASN B 64 5.42 -10.02 0.19
N LEU B 65 4.36 -9.64 0.90
CA LEU B 65 3.99 -8.24 1.09
C LEU B 65 4.08 -7.87 2.57
N VAL B 66 4.79 -6.80 2.87
CA VAL B 66 4.97 -6.33 4.24
C VAL B 66 4.57 -4.86 4.31
N ALA B 67 3.89 -4.48 5.38
CA ALA B 67 3.50 -3.10 5.63
C ALA B 67 4.48 -2.45 6.60
N VAL B 68 5.02 -1.30 6.21
CA VAL B 68 5.80 -0.47 7.11
C VAL B 68 4.91 0.69 7.53
N ILE B 69 4.48 0.69 8.79
CA ILE B 69 3.42 1.56 9.29
C ILE B 69 4.00 2.49 10.34
N SER B 70 3.70 3.78 10.22
CA SER B 70 4.18 4.76 11.19
C SER B 70 3.15 5.85 11.37
N ASN B 71 3.24 6.56 12.51
CA ASN B 71 2.48 7.78 12.72
C ASN B 71 3.38 9.00 12.91
N GLY B 72 4.68 8.87 12.62
CA GLY B 72 5.58 10.00 12.58
C GLY B 72 5.88 10.67 13.91
N THR B 73 5.79 9.94 15.01
CA THR B 73 6.00 10.55 16.32
C THR B 73 7.44 10.46 16.81
N ALA B 74 8.23 9.51 16.30
CA ALA B 74 9.67 9.48 16.56
C ALA B 74 10.39 9.09 15.27
N VAL B 75 10.66 10.08 14.42
CA VAL B 75 11.21 9.83 13.08
C VAL B 75 12.71 10.07 13.11
N LEU B 76 13.47 8.99 12.89
CA LEU B 76 14.93 8.97 13.01
C LEU B 76 15.38 9.64 14.29
N GLY B 77 16.11 10.75 14.18
CA GLY B 77 16.41 11.60 15.30
C GLY B 77 15.71 12.93 15.28
N LEU B 78 14.78 13.15 14.33
CA LEU B 78 14.09 14.42 14.24
C LEU B 78 13.01 14.57 15.30
N GLY B 79 12.38 13.46 15.70
CA GLY B 79 11.35 13.52 16.73
C GLY B 79 9.93 13.48 16.21
N ASN B 80 9.04 14.25 16.84
CA ASN B 80 7.62 14.29 16.46
C ASN B 80 7.47 15.31 15.34
N ILE B 81 7.40 14.82 14.10
CA ILE B 81 7.34 15.68 12.93
C ILE B 81 6.08 15.46 12.10
N GLY B 82 5.25 14.50 12.47
CA GLY B 82 4.03 14.21 11.73
C GLY B 82 4.18 13.01 10.83
N ALA B 83 3.03 12.38 10.53
CA ALA B 83 3.03 11.21 9.66
C ALA B 83 3.43 11.58 8.23
N LEU B 84 3.00 12.74 7.73
CA LEU B 84 3.28 13.09 6.34
C LEU B 84 4.76 13.40 6.12
N ALA B 85 5.40 14.08 7.08
CA ALA B 85 6.81 14.40 6.92
C ALA B 85 7.71 13.17 6.99
N GLY B 86 7.23 12.07 7.56
CA GLY B 86 7.97 10.84 7.63
C GLY B 86 7.77 9.88 6.47
N LYS B 87 7.05 10.28 5.43
CA LYS B 87 6.87 9.41 4.26
C LYS B 87 8.16 9.03 3.56
N PRO B 88 9.13 9.94 3.32
CA PRO B 88 10.39 9.50 2.71
C PRO B 88 11.12 8.42 3.48
N VAL B 89 11.08 8.48 4.82
CA VAL B 89 11.77 7.47 5.63
C VAL B 89 11.15 6.11 5.42
N MET B 90 9.82 6.04 5.38
CA MET B 90 9.15 4.77 5.16
C MET B 90 9.39 4.24 3.75
N GLU B 91 9.40 5.11 2.74
CA GLU B 91 9.73 4.66 1.39
C GLU B 91 11.15 4.11 1.33
N GLY B 92 12.09 4.77 2.00
CA GLY B 92 13.46 4.27 2.04
C GLY B 92 13.58 2.93 2.73
N LYS B 93 12.88 2.75 3.85
CA LYS B 93 12.89 1.46 4.53
C LYS B 93 12.33 0.37 3.63
N GLY B 94 11.27 0.68 2.89
CA GLY B 94 10.75 -0.29 1.93
C GLY B 94 11.74 -0.63 0.83
N VAL B 95 12.49 0.37 0.37
CA VAL B 95 13.54 0.12 -0.62
C VAL B 95 14.59 -0.84 -0.07
N LEU B 96 15.00 -0.64 1.19
CA LEU B 96 15.96 -1.56 1.80
C LEU B 96 15.38 -2.96 1.95
N PHE B 97 14.09 -3.05 2.26
CA PHE B 97 13.42 -4.34 2.31
C PHE B 97 13.50 -5.06 0.97
N LYS B 98 13.30 -4.31 -0.12
CA LYS B 98 13.29 -4.93 -1.44
C LYS B 98 14.68 -5.32 -1.92
N LYS B 99 15.67 -4.46 -1.64
CA LYS B 99 17.03 -4.71 -2.12
C LYS B 99 17.61 -6.00 -1.57
N PHE B 100 17.53 -6.19 -0.26
CA PHE B 100 18.31 -7.22 0.42
C PHE B 100 17.54 -8.51 0.67
N ALA B 101 16.22 -8.51 0.57
CA ALA B 101 15.46 -9.73 0.75
C ALA B 101 14.44 -10.00 -0.35
N GLY B 102 14.24 -9.06 -1.26
CA GLY B 102 13.23 -9.20 -2.30
C GLY B 102 11.81 -9.20 -1.80
N ILE B 103 11.47 -8.29 -0.89
CA ILE B 103 10.15 -8.24 -0.28
C ILE B 103 9.45 -6.96 -0.72
N ASP B 104 8.24 -7.09 -1.24
CA ASP B 104 7.42 -5.92 -1.54
C ASP B 104 6.93 -5.26 -0.26
N VAL B 105 6.93 -3.94 -0.23
CA VAL B 105 6.55 -3.18 0.95
C VAL B 105 5.55 -2.10 0.56
N PHE B 106 4.45 -2.02 1.31
CA PHE B 106 3.57 -0.86 1.29
C PHE B 106 3.90 0.00 2.51
N ASP B 107 4.21 1.28 2.28
CA ASP B 107 4.48 2.19 3.40
C ASP B 107 3.21 2.97 3.71
N ILE B 108 2.76 2.89 4.96
CA ILE B 108 1.50 3.50 5.38
C ILE B 108 1.80 4.48 6.50
N GLU B 109 1.35 5.72 6.32
CA GLU B 109 1.47 6.78 7.29
C GLU B 109 0.08 7.08 7.85
N VAL B 110 -0.06 6.94 9.16
CA VAL B 110 -1.35 7.06 9.84
C VAL B 110 -1.33 8.32 10.70
N ASP B 111 -2.38 9.12 10.61
CA ASP B 111 -2.41 10.40 11.31
C ASP B 111 -2.85 10.27 12.77
N GLU B 112 -3.18 9.09 13.25
CA GLU B 112 -3.74 8.92 14.58
C GLU B 112 -2.64 8.99 15.64
N LEU B 113 -2.81 9.86 16.63
CA LEU B 113 -1.89 9.99 17.75
C LEU B 113 -2.33 9.25 18.99
N ASP B 114 -3.56 8.79 19.05
CA ASP B 114 -4.10 8.06 20.19
C ASP B 114 -3.79 6.58 20.06
N PRO B 115 -3.24 5.93 21.09
CA PRO B 115 -2.85 4.53 20.95
C PRO B 115 -3.97 3.57 20.59
N ASP B 116 -5.11 3.63 21.29
CA ASP B 116 -6.19 2.68 21.02
C ASP B 116 -6.79 2.89 19.64
N LYS B 117 -6.93 4.14 19.21
CA LYS B 117 -7.42 4.41 17.87
C LYS B 117 -6.43 3.94 16.81
N PHE B 118 -5.13 4.13 17.07
CA PHE B 118 -4.10 3.62 16.17
C PHE B 118 -4.18 2.10 16.05
N ILE B 119 -4.38 1.42 17.18
CA ILE B 119 -4.51 -0.04 17.17
C ILE B 119 -5.71 -0.46 16.35
N GLU B 120 -6.83 0.24 16.51
CA GLU B 120 -8.04 -0.10 15.75
C GLU B 120 -7.80 0.10 14.26
N VAL B 121 -7.07 1.14 13.90
CA VAL B 121 -6.76 1.36 12.47
C VAL B 121 -5.90 0.22 11.94
N VAL B 122 -4.84 -0.14 12.66
CA VAL B 122 -3.89 -1.12 12.12
C VAL B 122 -4.50 -2.51 12.06
N ALA B 123 -5.20 -2.93 13.11
CA ALA B 123 -5.71 -4.30 13.14
C ALA B 123 -6.71 -4.58 12.03
N ALA B 124 -7.38 -3.55 11.50
CA ALA B 124 -8.34 -3.72 10.43
C ALA B 124 -7.70 -4.02 9.08
N LEU B 125 -6.41 -3.75 8.92
CA LEU B 125 -5.73 -3.91 7.64
C LEU B 125 -5.15 -5.30 7.44
N GLU B 126 -5.43 -6.25 8.34
CA GLU B 126 -4.80 -7.56 8.28
C GLU B 126 -4.97 -8.32 6.96
N PRO B 127 -6.13 -8.31 6.29
CA PRO B 127 -6.23 -9.06 5.03
C PRO B 127 -5.26 -8.61 3.95
N THR B 128 -4.75 -7.38 4.02
CA THR B 128 -3.87 -6.88 2.98
C THR B 128 -2.50 -7.55 3.01
N PHE B 129 -1.93 -7.75 4.20
CA PHE B 129 -0.51 -7.99 4.35
C PHE B 129 -0.22 -9.38 4.90
N GLY B 130 1.02 -9.80 4.70
CA GLY B 130 1.53 -11.02 5.31
C GLY B 130 2.32 -10.76 6.57
N GLY B 131 2.70 -9.51 6.81
CA GLY B 131 3.40 -9.16 8.03
C GLY B 131 3.45 -7.65 8.18
N ILE B 132 3.68 -7.23 9.42
CA ILE B 132 3.64 -5.81 9.80
C ILE B 132 4.98 -5.43 10.42
N ASN B 133 5.54 -4.32 9.95
CA ASN B 133 6.72 -3.71 10.55
C ASN B 133 6.31 -2.35 11.11
N LEU B 134 6.26 -2.23 12.43
CA LEU B 134 6.02 -0.93 13.06
C LEU B 134 7.30 -0.11 13.06
N GLU B 135 7.17 1.17 12.78
CA GLU B 135 8.33 2.03 12.60
C GLU B 135 8.09 3.39 13.24
N ASP B 136 9.13 3.90 13.90
CA ASP B 136 9.24 5.31 14.26
C ASP B 136 8.02 5.81 15.04
N ILE B 137 7.70 5.09 16.10
CA ILE B 137 6.62 5.45 17.02
C ILE B 137 7.25 5.62 18.41
N LYS B 138 7.01 6.76 19.02
CA LYS B 138 7.68 7.13 20.25
C LYS B 138 7.25 6.25 21.41
N ALA B 139 8.13 6.13 22.38
CA ALA B 139 7.89 5.47 23.66
C ALA B 139 7.25 6.45 24.64
N PRO B 140 6.44 5.98 25.59
CA PRO B 140 6.11 4.58 25.91
C PRO B 140 4.91 4.03 25.17
N GLU B 141 4.31 4.76 24.21
CA GLU B 141 3.18 4.23 23.47
C GLU B 141 3.54 3.03 22.61
N CYS B 142 4.81 2.89 22.22
CA CYS B 142 5.21 1.82 21.31
C CYS B 142 5.04 0.44 21.96
N PHE B 143 5.39 0.32 23.24
CA PHE B 143 5.23 -0.97 23.93
C PHE B 143 3.78 -1.39 23.99
N TYR B 144 2.91 -0.47 24.39
CA TYR B 144 1.48 -0.75 24.48
C TYR B 144 0.90 -1.12 23.12
N ILE B 145 1.25 -0.34 22.09
CA ILE B 145 0.74 -0.60 20.75
C ILE B 145 1.19 -1.96 20.25
N GLU B 146 2.47 -2.28 20.42
CA GLU B 146 2.99 -3.54 19.93
C GLU B 146 2.37 -4.73 20.67
N GLN B 147 2.23 -4.63 21.99
CA GLN B 147 1.64 -5.73 22.74
C GLN B 147 0.19 -5.97 22.33
N LYS B 148 -0.58 -4.89 22.21
CA LYS B 148 -1.99 -5.04 21.81
C LYS B 148 -2.12 -5.59 20.40
N LEU B 149 -1.32 -5.10 19.45
CA LEU B 149 -1.38 -5.60 18.09
C LEU B 149 -0.96 -7.06 18.01
N ARG B 150 0.08 -7.44 18.75
CA ARG B 150 0.52 -8.83 18.72
C ARG B 150 -0.55 -9.76 19.26
N GLU B 151 -1.23 -9.36 20.34
CA GLU B 151 -2.28 -10.24 20.84
C GLU B 151 -3.55 -10.18 20.00
N ARG B 152 -3.70 -9.17 19.15
CA ARG B 152 -4.92 -9.03 18.36
C ARG B 152 -4.82 -9.65 16.97
N MET B 153 -3.68 -9.57 16.30
CA MET B 153 -3.58 -9.96 14.90
C MET B 153 -2.93 -11.32 14.75
N ASN B 154 -3.23 -11.97 13.63
CA ASN B 154 -2.75 -13.32 13.33
C ASN B 154 -1.62 -13.32 12.29
N ILE B 155 -1.03 -12.18 12.01
CA ILE B 155 0.19 -12.10 11.21
C ILE B 155 1.27 -11.50 12.08
N PRO B 156 2.55 -11.75 11.76
CA PRO B 156 3.64 -11.24 12.61
C PRO B 156 3.62 -9.72 12.72
N VAL B 157 3.74 -9.24 13.95
CA VAL B 157 3.87 -7.82 14.25
C VAL B 157 5.22 -7.62 14.91
N PHE B 158 6.02 -6.72 14.36
CA PHE B 158 7.44 -6.61 14.73
C PHE B 158 7.83 -5.15 14.70
N HIS B 159 8.07 -4.55 15.86
CA HIS B 159 8.56 -3.18 15.94
C HIS B 159 10.08 -3.22 15.83
N ASP B 160 10.60 -2.70 14.71
CA ASP B 160 12.02 -2.87 14.39
C ASP B 160 12.91 -2.07 15.33
N ASP B 161 12.52 -0.84 15.67
CA ASP B 161 13.36 0.03 16.49
C ASP B 161 13.58 -0.53 17.89
N GLN B 162 12.79 -1.51 18.30
CA GLN B 162 13.06 -2.24 19.54
C GLN B 162 13.85 -3.50 19.25
N HIS B 163 13.26 -4.40 18.47
CA HIS B 163 13.71 -5.77 18.41
C HIS B 163 14.89 -5.99 17.47
N GLY B 164 15.00 -5.23 16.38
CA GLY B 164 16.17 -5.37 15.53
C GLY B 164 17.45 -4.99 16.25
N THR B 165 17.43 -3.84 16.93
CA THR B 165 18.60 -3.45 17.71
C THR B 165 18.82 -4.36 18.90
N ALA B 166 17.74 -4.87 19.51
CA ALA B 166 17.93 -5.86 20.58
C ALA B 166 18.63 -7.11 20.07
N ILE B 167 18.24 -7.62 18.89
CA ILE B 167 18.84 -8.83 18.35
C ILE B 167 20.31 -8.58 18.02
N ILE B 168 20.61 -7.48 17.35
CA ILE B 168 22.00 -7.21 16.96
C ILE B 168 22.87 -7.01 18.19
N SER B 169 22.39 -6.23 19.17
CA SER B 169 23.17 -5.95 20.37
C SER B 169 23.34 -7.20 21.22
N THR B 170 22.37 -8.10 21.24
CA THR B 170 22.52 -9.37 21.96
C THR B 170 23.53 -10.28 21.26
N ALA B 171 23.58 -10.25 19.93
CA ALA B 171 24.61 -11.02 19.23
C ALA B 171 26.01 -10.51 19.55
N ALA B 172 26.18 -9.19 19.70
CA ALA B 172 27.50 -8.65 20.00
C ALA B 172 27.96 -9.02 21.41
N ILE B 173 27.06 -8.93 22.39
CA ILE B 173 27.43 -9.28 23.76
C ILE B 173 27.77 -10.76 23.87
N LEU B 174 26.99 -11.61 23.18
CA LEU B 174 27.26 -13.04 23.20
C LEU B 174 28.64 -13.38 22.64
N ASN B 175 29.05 -12.70 21.56
CA ASN B 175 30.38 -12.90 21.00
C ASN B 175 31.46 -12.29 21.87
N GLY B 176 31.20 -11.12 22.44
CA GLY B 176 32.18 -10.48 23.31
C GLY B 176 32.49 -11.26 24.57
N LEU B 177 31.48 -11.95 25.11
CA LEU B 177 31.72 -12.83 26.25
C LEU B 177 32.64 -13.99 25.87
N ARG B 178 32.57 -14.44 24.62
CA ARG B 178 33.52 -15.45 24.15
C ARG B 178 34.95 -14.91 24.15
N VAL B 179 35.12 -13.67 23.69
CA VAL B 179 36.46 -13.10 23.59
C VAL B 179 37.04 -12.82 24.96
N VAL B 180 36.25 -12.20 25.85
CA VAL B 180 36.76 -11.84 27.17
C VAL B 180 36.66 -12.97 28.19
N GLU B 181 36.03 -14.08 27.83
CA GLU B 181 35.95 -15.26 28.69
C GLU B 181 35.24 -14.95 30.02
N LYS B 182 33.96 -14.62 29.90
CA LYS B 182 33.10 -14.40 31.07
C LYS B 182 31.78 -15.12 30.86
N ASN B 183 31.10 -15.42 31.96
CA ASN B 183 29.83 -16.11 31.92
C ASN B 183 28.67 -15.12 31.95
N ILE B 184 27.60 -15.45 31.22
CA ILE B 184 26.47 -14.54 31.08
C ILE B 184 25.75 -14.35 32.41
N SER B 185 25.76 -15.36 33.27
CA SER B 185 25.04 -15.31 34.53
C SER B 185 25.82 -14.61 35.64
N ASP B 186 27.06 -14.19 35.40
CA ASP B 186 27.88 -13.61 36.43
C ASP B 186 28.37 -12.21 36.11
N VAL B 187 27.87 -11.59 35.08
CA VAL B 187 28.35 -10.27 34.68
C VAL B 187 27.37 -9.22 35.15
N ARG B 188 27.89 -8.03 35.43
CA ARG B 188 27.10 -6.88 35.85
C ARG B 188 26.95 -5.92 34.68
N MET B 189 25.73 -5.46 34.44
CA MET B 189 25.44 -4.58 33.33
C MET B 189 24.88 -3.26 33.85
N VAL B 190 25.34 -2.16 33.27
CA VAL B 190 24.83 -0.83 33.56
C VAL B 190 24.24 -0.27 32.28
N VAL B 191 22.96 0.11 32.31
CA VAL B 191 22.25 0.59 31.14
C VAL B 191 22.06 2.08 31.28
N SER B 192 22.49 2.84 30.27
CA SER B 192 22.38 4.29 30.25
C SER B 192 21.21 4.66 29.35
N GLY B 193 20.11 5.09 29.96
CA GLY B 193 18.93 5.45 29.21
C GLY B 193 17.90 4.34 29.15
N ALA B 194 16.63 4.69 29.22
CA ALA B 194 15.54 3.73 29.14
C ALA B 194 14.55 4.20 28.10
N GLY B 195 14.34 3.39 27.06
CA GLY B 195 13.52 3.82 25.95
C GLY B 195 13.25 2.65 25.04
N ALA B 196 12.86 2.95 23.80
CA ALA B 196 12.49 1.89 22.86
C ALA B 196 13.62 0.90 22.68
N ALA B 197 14.82 1.40 22.39
CA ALA B 197 16.02 0.59 22.31
C ALA B 197 16.77 0.73 23.62
N ALA B 198 16.60 -0.25 24.50
CA ALA B 198 17.18 -0.34 25.84
C ALA B 198 16.34 -1.31 26.64
N ILE B 199 15.05 -1.02 26.74
CA ILE B 199 14.11 -1.95 27.36
C ILE B 199 14.09 -3.26 26.61
N ALA B 200 14.01 -3.20 25.28
CA ALA B 200 13.99 -4.41 24.47
C ALA B 200 15.29 -5.18 24.58
N CYS B 201 16.42 -4.46 24.57
CA CYS B 201 17.71 -5.11 24.72
C CYS B 201 17.82 -5.82 26.06
N MET B 202 17.41 -5.15 27.14
CA MET B 202 17.46 -5.77 28.46
C MET B 202 16.56 -6.99 28.52
N ASN B 203 15.37 -6.90 27.95
CA ASN B 203 14.45 -8.04 27.96
C ASN B 203 15.05 -9.24 27.24
N LEU B 204 15.64 -9.02 26.07
CA LEU B 204 16.24 -10.12 25.32
C LEU B 204 17.46 -10.70 26.04
N LEU B 205 18.31 -9.83 26.61
CA LEU B 205 19.47 -10.32 27.32
C LEU B 205 19.09 -11.13 28.54
N VAL B 206 18.08 -10.67 29.29
CA VAL B 206 17.57 -11.44 30.42
C VAL B 206 17.01 -12.77 29.95
N ALA B 207 16.35 -12.76 28.78
CA ALA B 207 15.84 -13.99 28.22
C ALA B 207 16.96 -14.97 27.87
N LEU B 208 18.14 -14.47 27.54
CA LEU B 208 19.26 -15.34 27.17
C LEU B 208 20.09 -15.81 28.36
N GLY B 209 19.92 -15.25 29.55
CA GLY B 209 20.65 -15.76 30.69
C GLY B 209 21.22 -14.73 31.65
N LEU B 210 21.02 -13.45 31.36
CA LEU B 210 21.43 -12.40 32.28
C LEU B 210 20.49 -12.35 33.47
N GLN B 211 21.05 -12.30 34.67
CA GLN B 211 20.25 -12.18 35.89
C GLN B 211 19.73 -10.75 36.01
N LYS B 212 18.43 -10.61 36.29
CA LYS B 212 17.84 -9.29 36.40
C LYS B 212 18.38 -8.50 37.59
N HIS B 213 18.88 -9.18 38.62
CA HIS B 213 19.45 -8.48 39.75
C HIS B 213 20.87 -7.98 39.48
N ASN B 214 21.45 -8.30 38.33
CA ASN B 214 22.75 -7.80 37.91
C ASN B 214 22.63 -6.63 36.93
N ILE B 215 21.52 -5.91 36.96
CA ILE B 215 21.26 -4.81 36.03
C ILE B 215 20.90 -3.56 36.81
N VAL B 216 21.46 -2.42 36.40
CA VAL B 216 21.08 -1.11 36.93
C VAL B 216 20.85 -0.19 35.74
N VAL B 217 19.71 0.49 35.74
CA VAL B 217 19.36 1.41 34.66
C VAL B 217 19.44 2.84 35.16
N CYS B 218 19.79 3.76 34.27
CA CYS B 218 20.01 5.16 34.64
C CYS B 218 19.58 6.05 33.48
N ASP B 219 18.43 6.70 33.63
CA ASP B 219 17.89 7.58 32.59
C ASP B 219 18.37 9.01 32.84
N SER B 220 17.72 9.99 32.20
CA SER B 220 18.13 11.38 32.32
C SER B 220 18.07 11.89 33.76
N LYS B 221 17.28 11.27 34.63
CA LYS B 221 17.22 11.68 36.03
C LYS B 221 18.30 11.02 36.89
N GLY B 222 19.06 10.07 36.33
CA GLY B 222 20.02 9.33 37.12
C GLY B 222 19.56 7.90 37.35
N VAL B 223 20.00 7.30 38.45
CA VAL B 223 19.65 5.91 38.72
C VAL B 223 18.14 5.78 38.93
N ILE B 224 17.56 4.77 38.28
CA ILE B 224 16.16 4.42 38.45
C ILE B 224 16.07 3.47 39.64
N TYR B 225 15.59 3.97 40.78
CA TYR B 225 15.45 3.16 41.97
C TYR B 225 14.00 3.15 42.43
N GLN B 226 13.67 2.16 43.26
CA GLN B 226 12.31 2.02 43.78
C GLN B 226 11.91 3.24 44.59
N GLY B 227 10.69 3.71 44.35
CA GLY B 227 10.18 4.89 45.03
C GLY B 227 10.90 6.17 44.71
N ARG B 228 11.24 6.39 43.44
CA ARG B 228 11.87 7.64 43.04
C ARG B 228 10.85 8.71 42.67
N GLU B 229 9.79 8.33 42.00
CA GLU B 229 8.72 9.23 41.58
C GLU B 229 7.38 8.67 42.03
N PRO B 230 6.39 9.53 42.27
CA PRO B 230 5.10 9.04 42.77
C PRO B 230 4.43 8.02 41.86
N ASN B 231 4.51 8.20 40.54
CA ASN B 231 3.92 7.26 39.58
C ASN B 231 4.97 6.91 38.53
N MET B 232 5.81 5.94 38.85
CA MET B 232 6.89 5.53 37.96
C MET B 232 6.31 4.69 36.84
N ALA B 233 6.64 5.04 35.61
CA ALA B 233 6.02 4.41 34.44
C ALA B 233 6.41 2.94 34.36
N GLU B 234 5.51 2.14 33.82
CA GLU B 234 5.83 0.74 33.58
C GLU B 234 6.92 0.63 32.53
N THR B 235 7.61 -0.52 32.55
CA THR B 235 8.82 -0.81 31.78
C THR B 235 10.02 -0.06 32.34
N LYS B 236 9.78 0.86 33.27
CA LYS B 236 10.84 1.54 34.02
C LYS B 236 10.83 1.14 35.48
N ALA B 237 9.80 0.40 35.90
CA ALA B 237 9.68 -0.07 37.26
C ALA B 237 10.07 -1.52 37.44
N ALA B 238 10.11 -2.31 36.36
CA ALA B 238 10.63 -3.66 36.42
C ALA B 238 12.15 -3.71 36.49
N TYR B 239 12.82 -2.59 36.23
CA TYR B 239 14.28 -2.51 36.32
C TYR B 239 14.75 -1.50 37.36
N ALA B 240 13.85 -1.01 38.20
CA ALA B 240 14.25 -0.16 39.31
C ALA B 240 14.90 -0.99 40.41
N VAL B 241 15.93 -0.44 41.04
CA VAL B 241 16.64 -1.13 42.11
C VAL B 241 16.22 -0.54 43.44
N VAL B 242 16.62 -1.20 44.53
CA VAL B 242 16.32 -0.69 45.86
C VAL B 242 17.13 0.57 46.11
N ASP B 243 16.58 1.48 46.91
CA ASP B 243 17.24 2.74 47.19
C ASP B 243 18.40 2.50 48.14
N ASP B 244 19.61 2.89 47.71
CA ASP B 244 20.81 2.66 48.50
C ASP B 244 21.71 3.88 48.54
N GLY B 245 21.26 5.01 47.99
CA GLY B 245 22.08 6.19 47.84
C GLY B 245 22.68 6.36 46.47
N LYS B 246 22.71 5.30 45.66
CA LYS B 246 23.27 5.38 44.32
C LYS B 246 22.34 6.17 43.41
N ARG B 247 22.80 7.32 42.94
CA ARG B 247 21.98 8.22 42.15
C ARG B 247 22.55 8.54 40.78
N THR B 248 23.86 8.69 40.67
CA THR B 248 24.49 9.05 39.41
C THR B 248 25.15 7.83 38.76
N LEU B 249 25.60 8.03 37.52
CA LEU B 249 26.27 6.97 36.79
C LEU B 249 27.62 6.62 37.39
N ASP B 250 28.24 7.56 38.10
CA ASP B 250 29.54 7.31 38.71
C ASP B 250 29.47 6.31 39.86
N ASP B 251 28.32 6.21 40.54
CA ASP B 251 28.18 5.32 41.69
C ASP B 251 27.89 3.88 41.30
N VAL B 252 27.56 3.59 40.04
CA VAL B 252 27.21 2.24 39.63
C VAL B 252 28.15 1.65 38.60
N ILE B 253 29.09 2.44 38.07
CA ILE B 253 29.94 1.94 36.98
C ILE B 253 31.13 1.14 37.48
N GLU B 254 31.49 1.26 38.75
CA GLU B 254 32.64 0.53 39.29
C GLU B 254 32.37 -0.97 39.28
N GLY B 255 33.26 -1.73 38.65
CA GLY B 255 33.14 -3.17 38.58
C GLY B 255 32.16 -3.71 37.57
N ALA B 256 31.76 -2.93 36.59
CA ALA B 256 30.76 -3.38 35.63
C ALA B 256 31.40 -4.10 34.45
N ASP B 257 30.80 -5.21 34.03
CA ASP B 257 31.31 -5.97 32.90
C ASP B 257 30.80 -5.42 31.56
N ILE B 258 29.56 -4.95 31.53
CA ILE B 258 28.93 -4.46 30.32
C ILE B 258 28.38 -3.07 30.56
N PHE B 259 28.61 -2.16 29.60
CA PHE B 259 27.94 -0.87 29.56
C PHE B 259 27.14 -0.83 28.26
N LEU B 260 25.84 -0.62 28.38
CA LEU B 260 24.96 -0.48 27.22
C LEU B 260 24.45 0.95 27.15
N GLY B 261 24.70 1.61 26.02
CA GLY B 261 24.35 3.01 25.91
C GLY B 261 23.42 3.34 24.76
N CYS B 262 22.26 3.90 25.10
CA CYS B 262 21.28 4.34 24.12
C CYS B 262 20.72 5.70 24.54
N SER B 263 21.62 6.61 24.93
CA SER B 263 21.17 7.89 25.50
C SER B 263 22.30 8.91 25.38
N GLY B 264 22.19 9.80 24.39
CA GLY B 264 22.95 11.03 24.37
C GLY B 264 24.45 10.90 24.27
N PRO B 265 25.12 12.01 23.97
CA PRO B 265 26.58 11.99 23.80
C PRO B 265 27.33 12.35 25.07
N LYS B 266 28.58 11.90 25.11
CA LYS B 266 29.53 12.24 26.18
C LYS B 266 28.97 11.89 27.56
N VAL B 267 28.25 10.77 27.62
CA VAL B 267 27.73 10.26 28.88
C VAL B 267 28.79 9.52 29.67
N LEU B 268 29.61 8.73 28.99
CA LEU B 268 30.65 7.93 29.60
C LEU B 268 32.00 8.62 29.44
N THR B 269 32.74 8.74 30.52
CA THR B 269 34.04 9.41 30.53
C THR B 269 35.16 8.38 30.67
N GLN B 270 36.40 8.88 30.60
CA GLN B 270 37.55 8.00 30.69
C GLN B 270 37.73 7.44 32.10
N GLU B 271 37.50 8.27 33.12
CA GLU B 271 37.64 7.80 34.50
C GLU B 271 36.57 6.77 34.86
N MET B 272 35.40 6.86 34.24
CA MET B 272 34.38 5.85 34.49
C MET B 272 34.71 4.54 33.78
N VAL B 273 35.38 4.61 32.63
CA VAL B 273 35.86 3.38 32.00
C VAL B 273 37.00 2.78 32.81
N LYS B 274 37.82 3.63 33.45
CA LYS B 274 38.91 3.12 34.25
C LYS B 274 38.42 2.27 35.43
N LYS B 275 37.18 2.49 35.87
CA LYS B 275 36.62 1.81 37.02
C LYS B 275 35.92 0.51 36.67
N MET B 276 35.73 0.22 35.38
CA MET B 276 35.04 -0.98 34.97
C MET B 276 35.87 -2.22 35.27
N ALA B 277 35.26 -3.39 35.10
CA ALA B 277 35.96 -4.64 35.36
C ALA B 277 36.97 -4.92 34.25
N ARG B 278 37.62 -6.08 34.32
CA ARG B 278 38.64 -6.42 33.32
C ARG B 278 37.99 -6.65 31.96
N ALA B 279 38.62 -6.11 30.92
CA ALA B 279 38.15 -6.19 29.54
C ALA B 279 36.74 -5.65 29.41
N PRO B 280 36.53 -4.34 29.52
CA PRO B 280 35.17 -3.79 29.48
C PRO B 280 34.51 -4.02 28.12
N MET B 281 33.26 -4.45 28.16
CA MET B 281 32.41 -4.52 26.98
C MET B 281 31.55 -3.27 26.97
N ILE B 282 31.64 -2.49 25.89
CA ILE B 282 30.98 -1.20 25.81
C ILE B 282 30.20 -1.13 24.49
N LEU B 283 28.95 -0.72 24.58
CA LEU B 283 28.10 -0.48 23.42
C LEU B 283 27.56 0.94 23.52
N ALA B 284 28.13 1.85 22.73
CA ALA B 284 27.72 3.24 22.72
C ALA B 284 26.97 3.50 21.42
N LEU B 285 25.64 3.42 21.48
CA LEU B 285 24.80 3.45 20.28
C LEU B 285 24.06 4.77 20.09
N ALA B 286 24.40 5.81 20.84
CA ALA B 286 23.79 7.12 20.62
C ALA B 286 24.15 7.62 19.23
N ASN B 287 23.16 7.68 18.33
CA ASN B 287 23.45 7.83 16.91
C ASN B 287 24.11 9.14 16.51
N PRO B 288 23.65 10.31 16.98
CA PRO B 288 24.35 11.54 16.58
C PRO B 288 25.83 11.51 16.96
N GLU B 289 26.11 11.32 18.25
CA GLU B 289 27.46 11.19 18.76
C GLU B 289 27.40 10.15 19.87
N PRO B 290 28.26 9.13 19.84
CA PRO B 290 28.17 8.04 20.82
C PRO B 290 28.50 8.51 22.23
N GLU B 291 28.22 7.64 23.19
CA GLU B 291 28.45 7.97 24.60
C GLU B 291 29.92 8.26 24.86
N ILE B 292 30.81 7.48 24.27
CA ILE B 292 32.24 7.71 24.35
C ILE B 292 32.84 7.42 22.98
N LEU B 293 33.80 8.24 22.56
CA LEU B 293 34.56 7.94 21.36
C LEU B 293 35.42 6.71 21.60
N PRO B 294 35.41 5.73 20.71
CA PRO B 294 36.16 4.50 20.93
C PRO B 294 37.65 4.73 21.15
N PRO B 295 38.28 5.71 20.46
CA PRO B 295 39.67 6.02 20.83
C PRO B 295 39.87 6.43 22.28
N LEU B 296 38.94 7.21 22.84
CA LEU B 296 39.05 7.63 24.23
C LEU B 296 38.94 6.44 25.17
N ALA B 297 38.10 5.46 24.84
CA ALA B 297 38.01 4.25 25.65
C ALA B 297 39.25 3.38 25.50
N LYS B 298 39.76 3.23 24.27
CA LYS B 298 40.89 2.35 24.04
C LYS B 298 42.19 2.94 24.58
N GLU B 299 42.25 4.26 24.75
CA GLU B 299 43.43 4.89 25.31
C GLU B 299 43.71 4.39 26.73
N VAL B 300 42.66 4.28 27.54
CA VAL B 300 42.85 3.95 28.95
C VAL B 300 42.73 2.44 29.18
N ARG B 301 41.86 1.77 28.42
CA ARG B 301 41.65 0.33 28.55
C ARG B 301 41.83 -0.31 27.18
N PRO B 302 43.07 -0.70 26.83
CA PRO B 302 43.29 -1.35 25.53
C PRO B 302 42.58 -2.68 25.36
N ASP B 303 42.20 -3.35 26.44
CA ASP B 303 41.51 -4.63 26.33
C ASP B 303 39.99 -4.47 26.19
N ALA B 304 39.49 -3.25 26.13
CA ALA B 304 38.06 -3.01 26.04
C ALA B 304 37.52 -3.33 24.65
N ILE B 305 36.27 -3.79 24.62
CA ILE B 305 35.56 -4.10 23.39
C ILE B 305 34.48 -3.05 23.23
N ILE B 306 34.54 -2.27 22.15
CA ILE B 306 33.64 -1.15 21.94
C ILE B 306 32.81 -1.39 20.69
N CYS B 307 31.51 -1.13 20.80
CA CYS B 307 30.58 -1.19 19.68
C CYS B 307 29.92 0.19 19.55
N THR B 308 29.59 0.58 18.33
CA THR B 308 28.92 1.85 18.08
C THR B 308 27.84 1.66 17.03
N GLY B 309 27.11 2.74 16.78
CA GLY B 309 26.19 2.85 15.67
C GLY B 309 26.70 3.63 14.49
N ARG B 310 27.99 3.95 14.46
CA ARG B 310 28.58 4.75 13.39
C ARG B 310 29.56 3.89 12.59
N SER B 311 29.56 4.07 11.27
CA SER B 311 30.30 3.20 10.37
C SER B 311 31.79 3.54 10.29
N ASP B 312 32.22 4.68 10.81
CA ASP B 312 33.63 5.04 10.79
C ASP B 312 34.45 4.31 11.84
N TYR B 313 33.82 3.50 12.68
CA TYR B 313 34.49 2.67 13.67
C TYR B 313 34.20 1.20 13.41
N PRO B 314 35.04 0.31 13.91
CA PRO B 314 34.72 -1.12 13.83
C PRO B 314 33.53 -1.47 14.71
N ASN B 315 32.91 -2.61 14.40
CA ASN B 315 31.79 -3.15 15.16
C ASN B 315 30.62 -2.16 15.17
N GLN B 316 30.08 -1.88 13.99
CA GLN B 316 28.94 -0.98 13.85
C GLN B 316 27.64 -1.77 13.97
N VAL B 317 26.79 -1.35 14.91
CA VAL B 317 25.49 -1.97 15.11
C VAL B 317 24.50 -1.28 14.19
N ASN B 318 24.12 -1.96 13.11
CA ASN B 318 23.28 -1.39 12.06
C ASN B 318 22.06 -2.27 11.86
N ASN B 319 20.88 -1.65 11.83
CA ASN B 319 19.64 -2.42 11.82
C ASN B 319 19.42 -3.18 10.52
N VAL B 320 20.11 -2.82 9.44
CA VAL B 320 19.98 -3.57 8.19
C VAL B 320 20.51 -4.99 8.30
N LEU B 321 21.16 -5.32 9.42
CA LEU B 321 21.65 -6.67 9.65
C LEU B 321 20.55 -7.66 9.99
N CYS B 322 19.38 -7.20 10.47
CA CYS B 322 18.38 -8.11 10.99
C CYS B 322 17.06 -8.11 10.23
N PHE B 323 16.36 -6.96 10.12
CA PHE B 323 14.94 -7.02 9.80
C PHE B 323 14.58 -7.68 8.46
N PRO B 324 15.27 -7.42 7.34
CA PRO B 324 14.86 -8.09 6.09
C PRO B 324 14.90 -9.60 6.17
N PHE B 325 15.91 -10.15 6.83
CA PHE B 325 16.12 -11.59 6.79
C PHE B 325 15.21 -12.35 7.75
N ILE B 326 14.91 -11.78 8.92
CA ILE B 326 13.92 -12.41 9.79
C ILE B 326 12.55 -12.35 9.16
N PHE B 327 12.24 -11.25 8.46
CA PHE B 327 10.95 -11.19 7.79
C PHE B 327 10.88 -12.18 6.62
N ARG B 328 11.98 -12.35 5.89
CA ARG B 328 12.01 -13.33 4.80
C ARG B 328 11.80 -14.74 5.35
N GLY B 329 12.48 -15.06 6.46
CA GLY B 329 12.30 -16.38 7.05
C GLY B 329 10.88 -16.62 7.54
N ALA B 330 10.29 -15.62 8.20
CA ALA B 330 8.91 -15.77 8.70
C ALA B 330 7.91 -15.87 7.56
N LEU B 331 8.13 -15.12 6.48
CA LEU B 331 7.18 -15.13 5.37
C LEU B 331 7.24 -16.43 4.60
N ASP B 332 8.44 -16.99 4.41
CA ASP B 332 8.57 -18.18 3.56
C ASP B 332 7.92 -19.41 4.16
N VAL B 333 7.66 -19.44 5.46
CA VAL B 333 7.06 -20.59 6.11
C VAL B 333 5.63 -20.33 6.54
N GLY B 334 5.07 -19.17 6.23
CA GLY B 334 3.73 -18.81 6.64
C GLY B 334 3.57 -18.69 8.14
N ALA B 335 4.55 -18.08 8.82
CA ALA B 335 4.48 -17.92 10.26
C ALA B 335 3.40 -16.92 10.64
N THR B 336 2.61 -17.26 11.65
CA THR B 336 1.59 -16.37 12.16
C THR B 336 2.10 -15.45 13.26
N ALA B 337 3.37 -15.59 13.65
CA ALA B 337 3.98 -14.74 14.66
C ALA B 337 5.48 -14.76 14.46
N ILE B 338 6.15 -13.80 15.06
CA ILE B 338 7.60 -13.81 15.26
C ILE B 338 7.80 -13.87 16.76
N ASN B 339 7.91 -15.09 17.30
CA ASN B 339 7.97 -15.27 18.74
C ASN B 339 9.42 -15.18 19.23
N GLU B 340 9.63 -15.59 20.47
CA GLU B 340 10.94 -15.52 21.09
C GLU B 340 11.91 -16.56 20.53
N GLU B 341 11.42 -17.76 20.22
CA GLU B 341 12.28 -18.80 19.68
C GLU B 341 12.83 -18.40 18.32
N MET B 342 12.04 -17.69 17.52
CA MET B 342 12.54 -17.18 16.24
C MET B 342 13.50 -16.02 16.45
N LYS B 343 13.26 -15.19 17.47
CA LYS B 343 14.14 -14.06 17.73
C LYS B 343 15.52 -14.53 18.18
N LEU B 344 15.58 -15.56 19.02
CA LEU B 344 16.84 -16.09 19.50
C LEU B 344 17.57 -16.90 18.44
N ALA B 345 16.84 -17.53 17.52
CA ALA B 345 17.49 -18.20 16.40
C ALA B 345 18.23 -17.19 15.52
N ALA B 346 17.67 -16.00 15.33
CA ALA B 346 18.36 -14.96 14.59
C ALA B 346 19.58 -14.45 15.35
N VAL B 347 19.56 -14.46 16.68
CA VAL B 347 20.72 -14.05 17.46
C VAL B 347 21.88 -15.01 17.24
N ARG B 348 21.61 -16.31 17.30
CA ARG B 348 22.69 -17.29 17.17
C ARG B 348 23.28 -17.31 15.77
N ALA B 349 22.45 -17.15 14.75
CA ALA B 349 22.96 -17.14 13.38
C ALA B 349 23.90 -15.98 13.15
N ILE B 350 23.53 -14.79 13.63
CA ILE B 350 24.38 -13.61 13.48
C ILE B 350 25.69 -13.79 14.25
N ALA B 351 25.62 -14.33 15.46
CA ALA B 351 26.84 -14.58 16.23
C ALA B 351 27.72 -15.64 15.56
N GLU B 352 27.11 -16.70 15.02
CA GLU B 352 27.90 -17.73 14.35
C GLU B 352 28.59 -17.20 13.10
N LEU B 353 27.93 -16.32 12.34
CA LEU B 353 28.52 -15.83 11.10
C LEU B 353 29.83 -15.07 11.33
N ALA B 354 30.06 -14.56 12.55
CA ALA B 354 31.27 -13.81 12.81
C ALA B 354 32.32 -14.58 13.61
N HIS B 355 31.91 -15.53 14.46
CA HIS B 355 32.86 -16.31 15.24
C HIS B 355 33.10 -17.70 14.68
N ALA B 356 32.41 -18.06 13.59
CA ALA B 356 32.64 -19.29 12.86
C ALA B 356 32.66 -18.98 11.37
N GLU B 357 33.42 -17.97 11.01
CA GLU B 357 33.44 -17.45 9.64
C GLU B 357 34.41 -18.25 8.77
N GLN B 358 34.06 -18.40 7.50
CA GLN B 358 34.86 -19.11 6.52
C GLN B 358 34.89 -18.35 5.20
N SER B 359 35.11 -17.03 5.31
CA SER B 359 35.25 -16.07 4.21
C SER B 359 34.88 -16.56 2.82
N GLU B 360 35.91 -16.82 2.00
CA GLU B 360 35.81 -17.31 0.63
C GLU B 360 35.32 -16.24 -0.35
N VAL B 361 36.01 -16.16 -1.49
CA VAL B 361 35.71 -15.27 -2.61
C VAL B 361 35.64 -13.82 -2.12
N VAL B 362 36.77 -13.32 -1.62
CA VAL B 362 36.86 -11.94 -1.15
C VAL B 362 36.87 -11.04 -2.38
N ALA B 363 36.73 -9.73 -2.16
CA ALA B 363 36.75 -8.80 -3.27
C ALA B 363 38.18 -8.51 -3.68
N SER B 364 38.97 -9.56 -3.88
CA SER B 364 40.39 -9.48 -4.24
C SER B 364 41.05 -8.45 -3.34
N ALA B 365 42.04 -7.71 -3.86
CA ALA B 365 42.62 -6.62 -3.10
C ALA B 365 41.67 -5.44 -2.97
N TYR B 366 40.59 -5.41 -3.75
CA TYR B 366 39.66 -4.30 -3.73
C TYR B 366 38.84 -4.34 -2.45
N GLY B 367 39.41 -3.90 -1.35
CA GLY B 367 38.65 -3.82 -0.12
C GLY B 367 39.54 -3.94 1.10
N ASP B 368 38.93 -4.42 2.18
CA ASP B 368 39.64 -4.58 3.45
C ASP B 368 38.92 -5.69 4.19
N GLN B 369 39.44 -6.92 4.10
CA GLN B 369 38.66 -8.06 4.59
C GLN B 369 38.81 -8.25 6.09
N ASP B 370 40.01 -8.64 6.53
CA ASP B 370 40.37 -8.89 7.93
C ASP B 370 39.20 -9.43 8.74
N LEU B 371 38.53 -10.46 8.22
CA LEU B 371 37.34 -11.01 8.86
C LEU B 371 37.73 -12.10 9.87
N SER B 372 38.65 -11.76 10.75
CA SER B 372 39.12 -12.67 11.77
C SER B 372 38.47 -12.32 13.09
N PHE B 373 37.86 -13.31 13.74
CA PHE B 373 37.15 -13.07 14.99
C PHE B 373 38.10 -12.53 16.05
N GLY B 374 37.66 -11.48 16.72
CA GLY B 374 38.44 -10.85 17.74
C GLY B 374 37.79 -9.56 18.21
N PRO B 375 38.54 -8.74 18.96
CA PRO B 375 37.96 -7.48 19.46
C PRO B 375 37.44 -6.56 18.37
N GLU B 376 38.10 -6.50 17.22
CA GLU B 376 37.73 -5.56 16.17
C GLU B 376 36.76 -6.16 15.16
N TYR B 377 36.40 -7.44 15.30
CA TYR B 377 35.43 -8.05 14.42
C TYR B 377 34.56 -8.99 15.27
N ILE B 378 33.49 -8.45 15.83
CA ILE B 378 32.63 -9.21 16.72
C ILE B 378 31.29 -9.54 16.10
N ILE B 379 30.82 -8.76 15.14
CA ILE B 379 29.58 -9.04 14.42
C ILE B 379 29.85 -8.86 12.92
N PRO B 380 29.01 -9.45 12.07
CA PRO B 380 29.19 -9.27 10.63
C PRO B 380 29.01 -7.82 10.19
N LYS B 381 29.57 -7.51 9.04
CA LYS B 381 29.48 -6.19 8.43
C LYS B 381 28.08 -5.97 7.83
N PRO B 382 27.65 -4.70 7.72
CA PRO B 382 26.26 -4.41 7.35
C PRO B 382 25.73 -5.04 6.06
N PHE B 383 26.55 -5.15 5.02
CA PHE B 383 26.01 -5.73 3.78
C PHE B 383 26.70 -7.03 3.40
N ASP B 384 26.89 -7.89 4.37
CA ASP B 384 27.49 -9.20 4.12
C ASP B 384 26.49 -10.07 3.36
N PRO B 385 26.85 -10.60 2.18
CA PRO B 385 25.89 -11.36 1.38
C PRO B 385 25.51 -12.73 1.95
N ARG B 386 26.09 -13.19 3.05
CA ARG B 386 25.72 -14.47 3.62
C ARG B 386 24.67 -14.36 4.73
N LEU B 387 24.19 -13.14 5.03
CA LEU B 387 23.26 -12.95 6.13
C LEU B 387 21.91 -13.60 5.89
N ILE B 388 21.35 -13.48 4.69
CA ILE B 388 20.07 -14.11 4.37
C ILE B 388 20.17 -15.62 4.29
N VAL B 389 21.27 -16.18 3.79
CA VAL B 389 21.42 -17.63 3.70
C VAL B 389 21.61 -18.26 5.06
N LYS B 390 22.03 -17.50 6.06
CA LYS B 390 22.17 -17.98 7.42
C LYS B 390 20.94 -17.73 8.29
N ILE B 391 20.34 -16.54 8.19
CA ILE B 391 19.30 -16.14 9.13
C ILE B 391 17.94 -16.71 8.73
N ALA B 392 17.58 -16.60 7.46
CA ALA B 392 16.24 -16.99 7.03
C ALA B 392 15.94 -18.46 7.28
N PRO B 393 16.80 -19.42 6.96
CA PRO B 393 16.51 -20.82 7.33
C PRO B 393 16.49 -21.06 8.83
N ALA B 394 17.33 -20.38 9.61
CA ALA B 394 17.28 -20.54 11.06
C ALA B 394 15.93 -20.09 11.62
N VAL B 395 15.46 -18.92 11.19
CA VAL B 395 14.17 -18.40 11.65
C VAL B 395 13.03 -19.29 11.16
N ALA B 396 13.09 -19.75 9.90
CA ALA B 396 12.04 -20.61 9.39
C ALA B 396 11.96 -21.93 10.16
N LYS B 397 13.11 -22.51 10.46
CA LYS B 397 13.15 -23.74 11.24
C LYS B 397 12.64 -23.52 12.66
N ALA B 398 12.98 -22.39 13.27
CA ALA B 398 12.46 -22.07 14.59
C ALA B 398 10.93 -21.91 14.56
N ALA B 399 10.40 -21.26 13.53
CA ALA B 399 8.95 -21.13 13.39
C ALA B 399 8.30 -22.50 13.22
N MET B 400 8.96 -23.40 12.50
CA MET B 400 8.40 -24.74 12.31
C MET B 400 8.32 -25.51 13.62
N GLU B 401 9.33 -25.38 14.48
CA GLU B 401 9.38 -26.11 15.74
C GLU B 401 8.52 -25.51 16.85
N SER B 402 8.25 -24.22 16.83
CA SER B 402 7.40 -23.60 17.83
C SER B 402 5.92 -23.67 17.47
N GLY B 403 5.58 -24.24 16.32
CA GLY B 403 4.21 -24.47 15.94
C GLY B 403 3.49 -23.33 15.27
N VAL B 404 4.18 -22.25 14.90
CA VAL B 404 3.52 -21.08 14.35
C VAL B 404 3.61 -21.03 12.83
N ALA B 405 4.12 -22.08 12.20
CA ALA B 405 4.27 -22.13 10.75
C ALA B 405 3.05 -22.79 10.13
N THR B 406 2.51 -22.17 9.08
CA THR B 406 1.37 -22.72 8.37
C THR B 406 1.76 -23.42 7.07
N ARG B 407 2.94 -23.16 6.54
CA ARG B 407 3.42 -23.76 5.28
C ARG B 407 4.84 -24.28 5.48
N PRO B 408 4.99 -25.46 6.09
CA PRO B 408 6.33 -25.96 6.42
C PRO B 408 7.17 -26.24 5.18
N ILE B 409 8.47 -26.02 5.32
CA ILE B 409 9.43 -26.26 4.25
C ILE B 409 9.88 -27.72 4.31
N ALA B 410 9.69 -28.44 3.21
CA ALA B 410 10.01 -29.87 3.18
C ALA B 410 11.50 -30.11 3.06
N ASP B 411 12.20 -29.33 2.23
CA ASP B 411 13.61 -29.55 1.95
C ASP B 411 14.36 -28.24 2.15
N PHE B 412 15.30 -28.23 3.08
CA PHE B 412 16.03 -26.99 3.38
C PHE B 412 17.21 -26.76 2.45
N ASP B 413 17.72 -27.80 1.78
CA ASP B 413 18.76 -27.59 0.78
C ASP B 413 18.21 -26.83 -0.43
N VAL B 414 16.99 -27.17 -0.87
CA VAL B 414 16.36 -26.44 -1.96
C VAL B 414 16.14 -24.98 -1.57
N TYR B 415 15.68 -24.75 -0.34
CA TYR B 415 15.46 -23.40 0.14
C TYR B 415 16.76 -22.61 0.18
N ILE B 416 17.84 -23.23 0.67
CA ILE B 416 19.11 -22.55 0.76
C ILE B 416 19.65 -22.23 -0.62
N ASP B 417 19.46 -23.14 -1.57
CA ASP B 417 19.90 -22.89 -2.95
C ASP B 417 19.14 -21.74 -3.57
N LYS B 418 17.83 -21.66 -3.31
CA LYS B 418 17.05 -20.53 -3.81
C LYS B 418 17.53 -19.21 -3.22
N LEU B 419 17.81 -19.19 -1.92
CA LEU B 419 18.32 -17.98 -1.29
C LEU B 419 19.69 -17.61 -1.87
N THR B 420 20.53 -18.59 -2.13
CA THR B 420 21.84 -18.34 -2.74
C THR B 420 21.67 -17.76 -4.14
N GLU B 421 20.74 -18.30 -4.91
CA GLU B 421 20.44 -17.75 -6.23
C GLU B 421 20.04 -16.29 -6.14
N PHE B 422 19.20 -15.95 -5.17
CA PHE B 422 18.85 -14.54 -4.98
C PHE B 422 20.08 -13.71 -4.64
N VAL B 423 20.97 -14.23 -3.79
CA VAL B 423 22.14 -13.47 -3.37
C VAL B 423 23.05 -13.19 -4.56
N TYR B 424 23.23 -14.16 -5.44
CA TYR B 424 24.13 -14.00 -6.58
C TYR B 424 23.68 -12.86 -7.49
N LYS B 425 22.38 -12.75 -7.73
CA LYS B 425 21.85 -11.76 -8.67
C LYS B 425 21.77 -10.36 -8.08
N THR B 426 22.47 -10.10 -6.98
CA THR B 426 22.56 -8.74 -6.42
C THR B 426 23.89 -8.66 -5.67
N ASN B 427 24.87 -8.00 -6.27
CA ASN B 427 26.19 -7.82 -5.68
C ASN B 427 26.53 -6.35 -5.66
N LEU B 428 27.18 -5.90 -4.58
CA LEU B 428 27.56 -4.50 -4.40
C LEU B 428 29.07 -4.42 -4.41
N PHE B 429 29.65 -4.41 -5.61
CA PHE B 429 31.11 -4.43 -5.71
C PHE B 429 31.72 -3.04 -5.69
N MET B 430 30.92 -1.99 -5.83
CA MET B 430 31.47 -0.64 -5.86
C MET B 430 31.84 -0.16 -4.46
N LYS B 431 31.15 -0.65 -3.43
CA LYS B 431 31.40 -0.21 -2.07
C LYS B 431 32.81 -0.51 -1.58
N PRO B 432 33.35 -1.73 -1.71
CA PRO B 432 34.75 -1.94 -1.30
C PRO B 432 35.75 -1.20 -2.16
N ILE B 433 35.46 -1.03 -3.45
CA ILE B 433 36.31 -0.24 -4.32
C ILE B 433 36.42 1.19 -3.79
N PHE B 434 35.27 1.79 -3.47
CA PHE B 434 35.27 3.16 -2.96
C PHE B 434 35.94 3.24 -1.60
N SER B 435 35.68 2.26 -0.73
CA SER B 435 36.30 2.27 0.60
C SER B 435 37.82 2.20 0.51
N GLN B 436 38.34 1.29 -0.32
CA GLN B 436 39.78 1.20 -0.51
C GLN B 436 40.32 2.45 -1.18
N ALA B 437 39.56 3.03 -2.11
CA ALA B 437 40.00 4.25 -2.79
C ALA B 437 40.13 5.41 -1.82
N ARG B 438 39.28 5.46 -0.79
CA ARG B 438 39.41 6.51 0.22
C ARG B 438 40.71 6.38 0.99
N LYS B 439 41.13 5.16 1.31
CA LYS B 439 42.35 4.96 2.09
C LYS B 439 43.59 5.39 1.31
#